data_5K6N
#
_entry.id   5K6N
#
_cell.length_a   50.591
_cell.length_b   119.324
_cell.length_c   157.199
_cell.angle_alpha   90.00
_cell.angle_beta   90.00
_cell.angle_gamma   90.00
#
_symmetry.space_group_name_H-M   'P 21 21 21'
#
loop_
_entity.id
_entity.type
_entity.pdbx_description
1 polymer B-GLUCOSIDASE
2 non-polymer beta-D-xylopyranose
3 non-polymer 'SULFATE ION'
4 non-polymer GLYCEROL
5 water water
#
_entity_poly.entity_id   1
_entity_poly.type   'polypeptide(L)'
_entity_poly.pdbx_seq_one_letter_code
;MNIEKVILDWNEYIEAARSVVSEGCVLLENNGTLPLEKGAVVSIFGRIQTHYYKSGTGSGGMVNVTHVVGVPEGLKLSEH
VTVNEELENIYKEWEEENPFDEGLGWGTEPWSQPEMELTDEIVSNASAKSDVAIVIIGRTAGEDKDFSDVAGAYKLSETE
EDMLRRVRKHFDKMVVLLNVGSLMDLNVISEINPDALMVIWQGGMIGGLGTADVLTGKVNPSGKLTDTIAYEINDYPSTE
NFGDPVRDYYAEDIYVGYRYFETFEKSKVRYPFGYGISYTEFEHTVGEFTADINSRTFTASCTVKNTGSVAGKDVAQFYV
SAPQGKLGKPEKVLVAFKKTGILNPGKEEKITVTVPFDRFASFDDTGVTGAESCFVLEAGEYTVYEGKNVRESYKEGSFT
LEENIVTEKLSKALAPMESFKRMKASENSDGTLSVKYEDVPVSDVDEKKRRLDNMPVEIPQDFTARYSLKDVLSGSVDME
KFIARLSDDDLACIVRGEGMGSSLVTAGTAAAFGGVSEYLRKMDIPAVCCDDGPSGMRLDSGATAFSMPNGTMLASTFNP
DVIERMYGFTSLEMIYNKVECLLGPGMNIHRNPLNGRNFEYFSEDPYLNGTIASAMLKGLHKYGSDGVAKHFCCNNQELG
RQACDSVVSQRALREIYLKGFEIAVKEGGCKAFMTTYAQVNGMWTAGNYDLNTRILRDEWGFKGIVMTDWWAQVNDRGGE
PTKNNTAAMVRAQNDLYMVTANAAMNSANDNTLSQLSEGKLNRAELQRCAMNICEYAMNTMAMKRLCRNDIKVEIAGRVI
EEDAFDIENAEYLVLKGNITVSLKNKESKAGTNYYIPLDIQDLGMYDISVTASSMLGEVAQLPCTLYYTGVPFLTYTFNG
SGGKDVTITKSMDFHNRMAVIRLNVAKNGLNLDRIEFKKQQ
;
_entity_poly.pdbx_strand_id   A
#
# COMPACT_ATOMS: atom_id res chain seq x y z
N ILE A 3 2.89 16.53 30.06
CA ILE A 3 1.66 16.78 30.88
C ILE A 3 0.90 15.47 31.23
N GLU A 4 0.96 14.46 30.34
CA GLU A 4 0.10 13.26 30.41
C GLU A 4 0.85 11.96 30.11
N LYS A 5 0.58 10.89 30.88
CA LYS A 5 1.24 9.57 30.72
C LYS A 5 0.26 8.50 30.17
N VAL A 6 0.74 7.65 29.26
CA VAL A 6 -0.05 6.59 28.61
C VAL A 6 0.75 5.29 28.59
N ILE A 7 0.11 4.17 28.95
CA ILE A 7 0.77 2.86 28.95
C ILE A 7 0.65 2.22 27.58
N LEU A 8 1.77 1.80 27.01
CA LEU A 8 1.79 0.96 25.81
C LEU A 8 1.95 -0.47 26.29
N ASP A 9 0.87 -1.23 26.25
CA ASP A 9 0.90 -2.62 26.67
C ASP A 9 1.43 -3.51 25.54
N TRP A 10 2.63 -4.03 25.71
CA TRP A 10 3.26 -4.85 24.67
C TRP A 10 2.51 -6.14 24.33
N ASN A 11 1.86 -6.74 25.32
CA ASN A 11 1.11 -7.99 25.09
C ASN A 11 -0.14 -7.75 24.24
N GLU A 12 -0.80 -6.63 24.46
CA GLU A 12 -1.91 -6.22 23.61
C GLU A 12 -1.44 -5.81 22.21
N TYR A 13 -0.25 -5.20 22.13
CA TYR A 13 0.35 -4.88 20.84
C TYR A 13 0.57 -6.19 20.10
N ILE A 14 1.18 -7.17 20.75
CA ILE A 14 1.33 -8.51 20.14
C ILE A 14 -0.02 -9.08 19.66
N GLU A 15 -1.02 -8.99 20.52
CA GLU A 15 -2.35 -9.53 20.23
C GLU A 15 -3.02 -8.86 19.03
N ALA A 16 -2.91 -7.53 18.96
CA ALA A 16 -3.46 -6.76 17.85
C ALA A 16 -2.83 -7.16 16.51
N ALA A 17 -1.51 -7.28 16.51
CA ALA A 17 -0.76 -7.73 15.34
C ALA A 17 -1.08 -9.18 14.96
N ARG A 18 -1.22 -10.01 15.99
CA ARG A 18 -1.58 -11.41 15.82
C ARG A 18 -2.96 -11.58 15.17
N SER A 19 -3.92 -10.74 15.57
CA SER A 19 -5.26 -10.70 14.94
C SER A 19 -5.22 -10.36 13.45
N VAL A 20 -4.34 -9.43 13.09
CA VAL A 20 -4.17 -9.05 11.68
C VAL A 20 -3.65 -10.24 10.88
N VAL A 21 -2.64 -10.92 11.41
CA VAL A 21 -2.10 -12.11 10.76
C VAL A 21 -3.19 -13.18 10.56
N SER A 22 -4.01 -13.41 11.57
CA SER A 22 -5.01 -14.50 11.50
C SER A 22 -6.25 -14.11 10.65
N GLU A 23 -6.43 -12.82 10.38
CA GLU A 23 -7.43 -12.35 9.42
C GLU A 23 -6.91 -12.16 8.00
N GLY A 24 -5.59 -12.17 7.82
CA GLY A 24 -4.95 -11.85 6.53
C GLY A 24 -4.42 -13.04 5.75
N CYS A 25 -4.20 -14.18 6.39
CA CYS A 25 -3.90 -15.42 5.69
C CYS A 25 -5.06 -15.72 4.77
N VAL A 26 -4.78 -16.22 3.57
CA VAL A 26 -5.83 -16.48 2.58
C VAL A 26 -5.81 -17.97 2.28
N LEU A 27 -6.89 -18.65 2.69
CA LEU A 27 -7.10 -20.05 2.37
C LEU A 27 -7.68 -20.14 0.95
N LEU A 28 -6.96 -20.82 0.07
CA LEU A 28 -7.33 -20.94 -1.33
C LEU A 28 -8.02 -22.26 -1.65
N GLU A 29 -7.51 -23.35 -1.05
CA GLU A 29 -8.05 -24.70 -1.23
C GLU A 29 -7.98 -25.48 0.08
N ASN A 30 -8.92 -26.40 0.27
CA ASN A 30 -8.95 -27.24 1.47
C ASN A 30 -9.97 -28.34 1.25
N ASN A 31 -9.56 -29.60 1.41
CA ASN A 31 -10.51 -30.74 1.41
C ASN A 31 -10.96 -31.17 2.81
N GLY A 32 -10.52 -30.45 3.85
CA GLY A 32 -10.86 -30.78 5.24
C GLY A 32 -9.66 -31.22 6.08
N THR A 33 -8.51 -31.40 5.43
CA THR A 33 -7.24 -31.60 6.14
C THR A 33 -6.93 -30.44 7.10
N LEU A 34 -7.34 -29.23 6.77
CA LEU A 34 -7.28 -28.15 7.74
C LEU A 34 -8.69 -27.98 8.29
N PRO A 35 -8.84 -27.60 9.56
CA PRO A 35 -7.72 -27.33 10.49
C PRO A 35 -7.06 -28.62 10.96
N LEU A 36 -5.86 -28.49 11.53
CA LEU A 36 -5.13 -29.65 12.04
C LEU A 36 -5.84 -30.17 13.28
N GLU A 37 -5.87 -31.49 13.42
CA GLU A 37 -6.59 -32.12 14.52
C GLU A 37 -5.81 -32.07 15.82
N LYS A 38 -6.53 -31.90 16.93
CA LYS A 38 -5.95 -31.89 18.28
C LYS A 38 -5.12 -33.16 18.47
N GLY A 39 -3.87 -32.98 18.91
CA GLY A 39 -2.95 -34.08 19.14
C GLY A 39 -2.19 -34.60 17.94
N ALA A 40 -2.41 -34.07 16.74
CA ALA A 40 -1.71 -34.58 15.54
C ALA A 40 -0.22 -34.26 15.56
N VAL A 41 0.56 -35.06 14.85
CA VAL A 41 1.99 -34.87 14.73
C VAL A 41 2.26 -34.41 13.30
N VAL A 42 2.93 -33.27 13.13
CA VAL A 42 3.14 -32.70 11.79
C VAL A 42 4.62 -32.79 11.39
N SER A 43 4.86 -33.24 10.17
CA SER A 43 6.20 -33.12 9.58
C SER A 43 6.24 -31.83 8.74
N ILE A 44 7.21 -30.95 9.01
CA ILE A 44 7.33 -29.67 8.32
C ILE A 44 8.48 -29.73 7.31
N PHE A 45 8.18 -29.55 6.03
CA PHE A 45 9.19 -29.55 4.99
C PHE A 45 9.43 -28.15 4.47
N GLY A 46 10.56 -27.99 3.78
CA GLY A 46 11.05 -26.68 3.33
C GLY A 46 12.06 -26.05 4.29
N ARG A 47 13.29 -25.86 3.81
CA ARG A 47 14.37 -25.27 4.63
C ARG A 47 14.05 -23.88 5.19
N ILE A 48 13.22 -23.11 4.47
CA ILE A 48 12.87 -21.76 4.87
C ILE A 48 12.08 -21.75 6.18
N GLN A 49 11.58 -22.90 6.61
CA GLN A 49 10.93 -23.03 7.91
C GLN A 49 11.76 -22.45 9.06
N THR A 50 13.09 -22.53 8.95
CA THR A 50 13.97 -22.05 10.01
C THR A 50 14.25 -20.54 9.96
N HIS A 51 13.94 -19.89 8.83
CA HIS A 51 14.20 -18.46 8.62
C HIS A 51 12.96 -17.83 7.98
N TYR A 52 11.87 -17.88 8.74
CA TYR A 52 10.59 -17.28 8.37
C TYR A 52 10.77 -15.88 7.80
N TYR A 53 10.27 -15.67 6.59
CA TYR A 53 10.28 -14.33 5.98
C TYR A 53 9.24 -13.45 6.67
N LYS A 54 9.72 -12.54 7.52
CA LYS A 54 8.85 -11.66 8.30
C LYS A 54 8.46 -10.41 7.51
N SER A 55 9.24 -10.08 6.50
CA SER A 55 9.03 -8.91 5.66
C SER A 55 9.72 -9.11 4.32
N GLY A 56 9.52 -8.17 3.42
CA GLY A 56 10.28 -8.10 2.18
C GLY A 56 11.62 -7.43 2.46
N THR A 57 12.35 -7.06 1.41
CA THR A 57 13.65 -6.43 1.57
C THR A 57 13.58 -4.96 1.20
N GLY A 58 14.52 -4.19 1.75
CA GLY A 58 14.69 -2.78 1.46
C GLY A 58 14.38 -1.91 2.66
N SER A 59 14.12 -0.64 2.38
CA SER A 59 13.75 0.36 3.39
C SER A 59 12.63 -0.07 4.31
N GLY A 60 11.65 -0.81 3.77
CA GLY A 60 10.49 -1.33 4.53
C GLY A 60 10.63 -2.73 5.12
N GLY A 61 11.85 -3.27 5.14
CA GLY A 61 12.10 -4.58 5.73
C GLY A 61 13.37 -4.65 6.54
N MET A 62 13.71 -3.56 7.23
CA MET A 62 14.89 -3.51 8.11
C MET A 62 14.48 -3.13 9.53
N VAL A 63 13.41 -3.75 10.04
CA VAL A 63 13.00 -3.59 11.42
C VAL A 63 13.79 -4.61 12.26
N ASN A 64 14.53 -4.12 13.26
CA ASN A 64 15.32 -5.00 14.14
C ASN A 64 14.43 -5.52 15.23
N VAL A 65 14.52 -6.82 15.49
CA VAL A 65 13.75 -7.50 16.54
C VAL A 65 14.66 -8.47 17.33
N THR A 66 14.28 -8.78 18.57
CA THR A 66 15.01 -9.76 19.36
C THR A 66 14.67 -11.21 18.97
N HIS A 67 13.46 -11.45 18.45
CA HIS A 67 13.02 -12.81 18.12
C HIS A 67 11.88 -12.82 17.10
N VAL A 68 11.92 -13.79 16.20
CA VAL A 68 10.88 -13.99 15.21
C VAL A 68 10.28 -15.36 15.48
N VAL A 69 8.97 -15.41 15.67
CA VAL A 69 8.25 -16.65 15.80
C VAL A 69 7.91 -17.15 14.39
N GLY A 70 8.64 -18.14 13.92
CA GLY A 70 8.31 -18.83 12.69
C GLY A 70 7.17 -19.83 12.88
N VAL A 71 6.86 -20.57 11.81
CA VAL A 71 5.72 -21.48 11.79
C VAL A 71 5.92 -22.72 12.70
N PRO A 72 7.10 -23.38 12.64
CA PRO A 72 7.31 -24.50 13.56
C PRO A 72 7.12 -24.10 15.02
N GLU A 73 7.71 -22.98 15.42
CA GLU A 73 7.60 -22.52 16.79
C GLU A 73 6.16 -22.15 17.15
N GLY A 74 5.46 -21.51 16.22
CA GLY A 74 4.08 -21.16 16.44
C GLY A 74 3.20 -22.37 16.68
N LEU A 75 3.43 -23.43 15.91
CA LEU A 75 2.71 -24.69 16.11
C LEU A 75 3.01 -25.36 17.45
N LYS A 76 4.27 -25.35 17.89
CA LYS A 76 4.61 -25.95 19.19
C LYS A 76 3.97 -25.17 20.33
N LEU A 77 4.00 -23.84 20.23
CA LEU A 77 3.38 -23.00 21.26
C LEU A 77 1.86 -23.12 21.33
N SER A 78 1.20 -23.52 20.24
CA SER A 78 -0.26 -23.70 20.23
C SER A 78 -0.76 -24.74 21.23
N GLU A 79 0.08 -25.75 21.51
CA GLU A 79 -0.28 -26.94 22.32
C GLU A 79 -1.44 -27.74 21.72
N HIS A 80 -1.61 -27.67 20.41
CA HIS A 80 -2.66 -28.35 19.70
C HIS A 80 -2.11 -29.49 18.84
N VAL A 81 -0.87 -29.35 18.40
CA VAL A 81 -0.17 -30.38 17.65
C VAL A 81 1.25 -30.45 18.19
N THR A 82 1.99 -31.44 17.73
CA THR A 82 3.43 -31.50 17.94
C THR A 82 4.12 -31.60 16.60
N VAL A 83 5.39 -31.23 16.58
CA VAL A 83 6.20 -31.22 15.38
C VAL A 83 7.15 -32.40 15.44
N ASN A 84 7.33 -33.09 14.31
CA ASN A 84 8.31 -34.15 14.15
C ASN A 84 9.74 -33.60 14.36
N GLU A 85 10.29 -33.85 15.55
CA GLU A 85 11.62 -33.32 15.92
C GLU A 85 12.80 -33.94 15.16
N GLU A 86 12.64 -35.17 14.68
CA GLU A 86 13.70 -35.80 13.88
C GLU A 86 13.90 -35.06 12.56
N LEU A 87 12.80 -34.78 11.86
CA LEU A 87 12.87 -34.03 10.60
C LEU A 87 13.42 -32.63 10.79
N GLU A 88 13.03 -31.95 11.86
CA GLU A 88 13.60 -30.62 12.20
C GLU A 88 15.12 -30.67 12.28
N ASN A 89 15.62 -31.66 13.01
CA ASN A 89 17.06 -31.86 13.16
C ASN A 89 17.77 -32.20 11.87
N ILE A 90 17.11 -32.88 10.95
CA ILE A 90 17.69 -33.09 9.62
C ILE A 90 17.92 -31.74 8.94
N TYR A 91 16.90 -30.88 8.97
CA TYR A 91 17.02 -29.52 8.38
C TYR A 91 18.07 -28.68 9.10
N LYS A 92 18.02 -28.67 10.43
CA LYS A 92 18.98 -27.91 11.23
C LYS A 92 20.44 -28.33 10.95
N GLU A 93 20.69 -29.64 10.83
CA GLU A 93 22.04 -30.16 10.59
C GLU A 93 22.48 -29.86 9.17
N TRP A 94 21.59 -30.09 8.21
CA TRP A 94 21.87 -29.73 6.82
C TRP A 94 22.23 -28.23 6.67
N GLU A 95 21.53 -27.38 7.41
CA GLU A 95 21.67 -25.93 7.30
C GLU A 95 23.02 -25.40 7.84
N GLU A 96 23.61 -26.11 8.79
CA GLU A 96 24.99 -25.81 9.23
C GLU A 96 26.01 -25.93 8.06
N GLU A 97 25.76 -26.83 7.11
CA GLU A 97 26.56 -26.91 5.87
C GLU A 97 26.09 -25.99 4.74
N ASN A 98 24.83 -25.56 4.78
CA ASN A 98 24.23 -24.73 3.71
C ASN A 98 23.54 -23.52 4.34
N PRO A 99 24.32 -22.56 4.85
CA PRO A 99 23.73 -21.46 5.63
C PRO A 99 22.83 -20.53 4.81
N PHE A 100 21.87 -19.91 5.49
CA PHE A 100 21.00 -18.91 4.89
C PHE A 100 21.86 -17.85 4.20
N ASP A 101 21.66 -17.66 2.89
CA ASP A 101 22.31 -16.61 2.10
C ASP A 101 21.68 -15.23 2.40
N GLU A 102 22.50 -14.30 2.86
CA GLU A 102 22.05 -12.92 3.15
C GLU A 102 22.42 -11.88 2.08
N GLY A 103 23.33 -12.20 1.17
CA GLY A 103 23.68 -11.31 0.05
C GLY A 103 24.53 -10.10 0.38
N THR A 108 20.61 -7.23 -3.02
CA THR A 108 21.64 -8.27 -2.97
C THR A 108 21.10 -9.59 -2.38
N GLU A 109 20.21 -9.51 -1.38
CA GLU A 109 19.60 -10.72 -0.79
C GLU A 109 18.71 -11.43 -1.82
N PRO A 110 18.91 -12.74 -2.00
CA PRO A 110 18.18 -13.41 -3.08
C PRO A 110 16.67 -13.56 -2.83
N TRP A 111 15.92 -13.73 -3.92
CA TRP A 111 14.47 -13.95 -3.90
C TRP A 111 14.06 -15.14 -3.04
N SER A 112 14.90 -16.19 -3.06
CA SER A 112 14.67 -17.40 -2.28
C SER A 112 16.00 -18.06 -1.90
N GLN A 113 15.90 -19.04 -1.02
CA GLN A 113 17.03 -19.82 -0.55
C GLN A 113 17.07 -21.17 -1.25
N PRO A 114 18.27 -21.73 -1.49
CA PRO A 114 18.31 -23.07 -2.11
C PRO A 114 17.65 -24.14 -1.24
N GLU A 115 16.75 -24.91 -1.81
CA GLU A 115 16.04 -25.96 -1.08
C GLU A 115 16.91 -27.20 -0.85
N MET A 116 16.70 -27.86 0.29
CA MET A 116 17.37 -29.13 0.61
C MET A 116 16.76 -30.26 -0.21
N GLU A 117 17.59 -30.98 -0.96
CA GLU A 117 17.14 -32.18 -1.67
C GLU A 117 16.70 -33.24 -0.67
N LEU A 118 15.59 -33.91 -0.98
CA LEU A 118 15.04 -34.94 -0.12
C LEU A 118 15.22 -36.30 -0.77
N THR A 119 15.32 -37.32 0.08
CA THR A 119 15.44 -38.71 -0.38
C THR A 119 14.15 -39.44 -0.09
N ASP A 120 13.99 -40.59 -0.74
CA ASP A 120 12.86 -41.46 -0.46
C ASP A 120 12.82 -41.85 1.03
N GLU A 121 14.01 -42.05 1.60
CA GLU A 121 14.16 -42.47 3.00
C GLU A 121 13.66 -41.41 3.99
N ILE A 122 14.13 -40.18 3.84
CA ILE A 122 13.73 -39.07 4.73
C ILE A 122 12.22 -38.84 4.72
N VAL A 123 11.65 -38.83 3.52
CA VAL A 123 10.24 -38.52 3.31
C VAL A 123 9.38 -39.67 3.83
N SER A 124 9.78 -40.90 3.48
CA SER A 124 9.08 -42.11 3.92
C SER A 124 9.09 -42.26 5.45
N ASN A 125 10.24 -42.02 6.08
CA ASN A 125 10.34 -42.11 7.54
C ASN A 125 9.54 -41.03 8.27
N ALA A 126 9.50 -39.83 7.69
CA ALA A 126 8.67 -38.76 8.25
C ALA A 126 7.19 -39.14 8.22
N SER A 127 6.78 -39.76 7.11
CA SER A 127 5.40 -40.18 6.93
C SER A 127 4.96 -41.23 7.95
N ALA A 128 5.81 -42.23 8.18
CA ALA A 128 5.56 -43.26 9.22
C ALA A 128 5.36 -42.68 10.62
N LYS A 129 6.02 -41.56 10.93
CA LYS A 129 6.00 -40.97 12.26
C LYS A 129 5.16 -39.67 12.40
N SER A 130 4.27 -39.40 11.45
CA SER A 130 3.43 -38.20 11.51
C SER A 130 2.12 -38.38 10.75
N ASP A 131 1.15 -37.57 11.14
CA ASP A 131 -0.20 -37.59 10.56
C ASP A 131 -0.39 -36.68 9.36
N VAL A 132 0.45 -35.64 9.21
CA VAL A 132 0.26 -34.65 8.14
C VAL A 132 1.58 -33.97 7.78
N ALA A 133 1.77 -33.70 6.49
CA ALA A 133 2.92 -32.93 5.99
C ALA A 133 2.51 -31.45 5.80
N ILE A 134 3.37 -30.54 6.25
CA ILE A 134 3.26 -29.11 5.96
C ILE A 134 4.47 -28.71 5.13
N VAL A 135 4.26 -28.24 3.90
CA VAL A 135 5.37 -27.79 3.06
C VAL A 135 5.33 -26.26 2.98
N ILE A 136 6.45 -25.62 3.32
CA ILE A 136 6.55 -24.15 3.33
C ILE A 136 7.46 -23.73 2.16
N ILE A 137 6.90 -22.92 1.26
CA ILE A 137 7.66 -22.31 0.17
C ILE A 137 7.83 -20.84 0.52
N GLY A 138 9.08 -20.38 0.50
CA GLY A 138 9.46 -19.04 0.89
C GLY A 138 9.91 -18.18 -0.29
N ARG A 139 9.37 -16.96 -0.35
CA ARG A 139 9.85 -15.93 -1.28
C ARG A 139 9.88 -14.59 -0.58
N THR A 140 10.88 -13.80 -0.94
CA THR A 140 10.97 -12.40 -0.54
C THR A 140 11.26 -11.60 -1.81
N ALA A 141 11.22 -10.29 -1.70
CA ALA A 141 11.39 -9.39 -2.84
C ALA A 141 11.36 -8.01 -2.26
N GLY A 142 11.66 -7.00 -3.09
CA GLY A 142 11.61 -5.65 -2.60
C GLY A 142 12.18 -4.56 -3.48
N GLU A 143 12.87 -3.65 -2.83
CA GLU A 143 13.25 -2.38 -3.42
C GLU A 143 14.38 -2.57 -4.42
N ASP A 144 14.28 -1.92 -5.59
CA ASP A 144 15.24 -2.05 -6.73
C ASP A 144 15.35 -3.39 -7.47
N LYS A 145 14.84 -4.47 -6.90
CA LYS A 145 14.89 -5.78 -7.52
C LYS A 145 13.44 -6.19 -7.82
N ASP A 146 13.03 -6.06 -9.08
CA ASP A 146 11.76 -6.66 -9.51
C ASP A 146 11.78 -8.21 -9.44
N PHE A 147 10.59 -8.79 -9.27
CA PHE A 147 10.35 -10.24 -9.26
C PHE A 147 10.40 -10.66 -10.73
N SER A 148 10.66 -11.93 -11.02
CA SER A 148 10.93 -12.39 -12.39
C SER A 148 10.28 -13.74 -12.66
N ASP A 149 9.90 -14.02 -13.91
CA ASP A 149 9.17 -15.27 -14.26
C ASP A 149 10.12 -16.46 -14.50
N VAL A 150 10.91 -16.78 -13.48
CA VAL A 150 11.94 -17.81 -13.55
C VAL A 150 11.89 -18.71 -12.32
N ALA A 151 12.54 -19.87 -12.43
CA ALA A 151 12.68 -20.82 -11.32
C ALA A 151 13.45 -20.14 -10.21
N GLY A 152 12.98 -20.29 -8.97
CA GLY A 152 13.54 -19.59 -7.82
C GLY A 152 12.91 -18.23 -7.52
N ALA A 153 12.14 -17.69 -8.46
CA ALA A 153 11.46 -16.41 -8.27
C ALA A 153 9.94 -16.63 -8.32
N TYR A 154 9.29 -16.29 -9.44
CA TYR A 154 7.85 -16.48 -9.56
C TYR A 154 7.50 -17.96 -9.69
N LYS A 155 8.38 -18.73 -10.32
CA LYS A 155 8.21 -20.17 -10.45
C LYS A 155 8.90 -20.92 -9.31
N LEU A 156 8.40 -22.10 -9.00
CA LEU A 156 9.11 -23.08 -8.18
C LEU A 156 10.48 -23.39 -8.79
N SER A 157 11.47 -23.63 -7.94
CA SER A 157 12.74 -24.21 -8.37
C SER A 157 12.58 -25.73 -8.58
N GLU A 158 13.55 -26.36 -9.24
CA GLU A 158 13.47 -27.78 -9.55
C GLU A 158 13.40 -28.64 -8.27
N THR A 159 14.28 -28.36 -7.31
CA THR A 159 14.28 -29.09 -6.01
C THR A 159 13.04 -28.85 -5.15
N GLU A 160 12.48 -27.64 -5.20
CA GLU A 160 11.19 -27.36 -4.54
C GLU A 160 10.06 -28.19 -5.13
N GLU A 161 10.07 -28.35 -6.45
CA GLU A 161 9.08 -29.15 -7.15
C GLU A 161 9.25 -30.63 -6.78
N ASP A 162 10.50 -31.07 -6.69
CA ASP A 162 10.80 -32.45 -6.29
C ASP A 162 10.26 -32.70 -4.89
N MET A 163 10.61 -31.81 -3.97
CA MET A 163 10.10 -31.86 -2.59
C MET A 163 8.59 -32.06 -2.53
N LEU A 164 7.86 -31.24 -3.30
CA LEU A 164 6.40 -31.29 -3.31
C LEU A 164 5.87 -32.63 -3.84
N ARG A 165 6.49 -33.18 -4.88
CA ARG A 165 6.04 -34.44 -5.48
C ARG A 165 6.29 -35.64 -4.59
N ARG A 166 7.45 -35.65 -3.93
CA ARG A 166 7.76 -36.68 -2.93
C ARG A 166 6.78 -36.62 -1.76
N VAL A 167 6.56 -35.43 -1.23
CA VAL A 167 5.66 -35.28 -0.09
C VAL A 167 4.23 -35.73 -0.47
N ARG A 168 3.77 -35.33 -1.65
CA ARG A 168 2.46 -35.75 -2.15
C ARG A 168 2.35 -37.28 -2.19
N LYS A 169 3.36 -37.92 -2.77
CA LYS A 169 3.38 -39.38 -2.90
C LYS A 169 3.31 -40.14 -1.56
N HIS A 170 4.05 -39.69 -0.54
CA HIS A 170 4.17 -40.42 0.74
C HIS A 170 3.21 -40.02 1.84
N PHE A 171 2.55 -38.88 1.70
CA PHE A 171 1.56 -38.43 2.67
C PHE A 171 0.21 -38.37 1.99
N ASP A 172 -0.81 -38.94 2.61
CA ASP A 172 -2.17 -38.69 2.12
C ASP A 172 -2.78 -37.40 2.72
N LYS A 173 -2.10 -36.74 3.66
CA LYS A 173 -2.49 -35.42 4.15
C LYS A 173 -1.35 -34.42 3.99
N MET A 174 -1.57 -33.41 3.14
CA MET A 174 -0.52 -32.48 2.70
C MET A 174 -1.04 -31.05 2.64
N VAL A 175 -0.35 -30.15 3.34
CA VAL A 175 -0.71 -28.74 3.41
C VAL A 175 0.47 -27.94 2.85
N VAL A 176 0.18 -27.02 1.94
CA VAL A 176 1.21 -26.16 1.36
C VAL A 176 0.96 -24.73 1.84
N LEU A 177 2.02 -24.09 2.34
CA LEU A 177 1.97 -22.72 2.84
C LEU A 177 2.95 -21.86 2.05
N LEU A 178 2.47 -20.72 1.57
CA LEU A 178 3.29 -19.77 0.84
C LEU A 178 3.65 -18.58 1.74
N ASN A 179 4.89 -18.60 2.22
CA ASN A 179 5.51 -17.54 3.03
C ASN A 179 6.14 -16.58 2.03
N VAL A 180 5.30 -15.74 1.44
CA VAL A 180 5.68 -14.93 0.28
C VAL A 180 5.24 -13.47 0.47
N GLY A 181 6.06 -12.55 -0.02
CA GLY A 181 5.75 -11.13 0.00
C GLY A 181 4.71 -10.80 -1.04
N SER A 182 4.85 -11.41 -2.21
CA SER A 182 3.87 -11.29 -3.28
C SER A 182 3.56 -12.67 -3.86
N LEU A 183 2.45 -12.77 -4.57
CA LEU A 183 2.03 -14.05 -5.12
C LEU A 183 3.06 -14.64 -6.08
N MET A 184 3.07 -15.97 -6.18
CA MET A 184 3.96 -16.68 -7.08
C MET A 184 3.11 -17.60 -7.92
N ASP A 185 3.74 -18.28 -8.88
CA ASP A 185 3.04 -19.23 -9.76
C ASP A 185 2.38 -20.36 -8.95
N LEU A 186 1.11 -20.60 -9.22
CA LEU A 186 0.34 -21.68 -8.60
C LEU A 186 0.03 -22.86 -9.55
N ASN A 187 0.51 -22.82 -10.80
CA ASN A 187 0.19 -23.87 -11.79
C ASN A 187 0.75 -25.24 -11.45
N VAL A 188 2.00 -25.28 -11.00
CA VAL A 188 2.65 -26.57 -10.71
C VAL A 188 2.17 -27.08 -9.36
N ILE A 189 2.05 -26.19 -8.38
CA ILE A 189 1.48 -26.52 -7.07
C ILE A 189 0.06 -27.08 -7.20
N SER A 190 -0.78 -26.45 -8.01
CA SER A 190 -2.16 -26.89 -8.22
C SER A 190 -2.22 -28.26 -8.88
N GLU A 191 -1.34 -28.45 -9.85
CA GLU A 191 -1.20 -29.71 -10.56
C GLU A 191 -0.77 -30.85 -9.63
N ILE A 192 0.23 -30.59 -8.77
CA ILE A 192 0.66 -31.56 -7.73
C ILE A 192 -0.50 -31.82 -6.76
N ASN A 193 -1.33 -30.80 -6.53
CA ASN A 193 -2.67 -30.96 -5.93
C ASN A 193 -2.57 -31.36 -4.46
N PRO A 194 -2.12 -30.43 -3.60
CA PRO A 194 -2.13 -30.71 -2.17
C PRO A 194 -3.56 -30.71 -1.66
N ASP A 195 -3.73 -31.15 -0.42
CA ASP A 195 -5.05 -31.22 0.19
C ASP A 195 -5.53 -29.83 0.63
N ALA A 196 -4.61 -28.99 1.09
CA ALA A 196 -4.89 -27.61 1.43
C ALA A 196 -3.77 -26.69 0.95
N LEU A 197 -4.16 -25.47 0.57
CA LEU A 197 -3.22 -24.43 0.12
C LEU A 197 -3.59 -23.11 0.77
N MET A 198 -2.61 -22.46 1.39
CA MET A 198 -2.82 -21.20 2.08
C MET A 198 -1.65 -20.27 1.81
N VAL A 199 -1.99 -19.01 1.52
CA VAL A 199 -1.02 -17.94 1.42
C VAL A 199 -0.95 -17.34 2.82
N ILE A 200 0.24 -17.39 3.40
CA ILE A 200 0.45 -16.85 4.74
C ILE A 200 1.25 -15.55 4.74
N TRP A 201 1.62 -15.07 3.55
CA TRP A 201 2.27 -13.78 3.40
C TRP A 201 3.57 -13.73 4.26
N GLN A 202 3.87 -12.56 4.81
CA GLN A 202 4.99 -12.35 5.70
C GLN A 202 4.41 -11.56 6.87
N GLY A 203 4.34 -12.18 8.03
CA GLY A 203 3.51 -11.69 9.12
C GLY A 203 4.21 -10.93 10.22
N GLY A 204 5.40 -10.40 9.95
CA GLY A 204 6.19 -9.72 10.97
C GLY A 204 6.75 -10.68 12.02
N MET A 205 7.17 -10.13 13.16
CA MET A 205 7.89 -10.93 14.15
C MET A 205 7.01 -11.96 14.87
N ILE A 206 5.69 -11.77 14.88
CA ILE A 206 4.76 -12.77 15.48
C ILE A 206 3.97 -13.57 14.45
N GLY A 207 4.43 -13.60 13.21
CA GLY A 207 3.70 -14.24 12.11
C GLY A 207 3.31 -15.68 12.39
N GLY A 208 4.23 -16.41 12.97
CA GLY A 208 4.02 -17.82 13.32
C GLY A 208 2.93 -18.07 14.34
N LEU A 209 2.68 -17.12 15.25
CA LEU A 209 1.61 -17.25 16.23
C LEU A 209 0.25 -17.18 15.53
N GLY A 210 0.03 -16.10 14.77
CA GLY A 210 -1.21 -15.92 14.01
C GLY A 210 -1.44 -16.99 12.97
N THR A 211 -0.38 -17.45 12.32
CA THR A 211 -0.49 -18.54 11.37
C THR A 211 -0.87 -19.85 12.09
N ALA A 212 -0.28 -20.11 13.25
CA ALA A 212 -0.64 -21.30 14.03
C ALA A 212 -2.11 -21.26 14.43
N ASP A 213 -2.61 -20.07 14.79
CA ASP A 213 -4.02 -19.88 15.11
C ASP A 213 -4.95 -20.37 14.00
N VAL A 214 -4.66 -20.05 12.75
CA VAL A 214 -5.53 -20.50 11.66
C VAL A 214 -5.32 -21.97 11.31
N LEU A 215 -4.08 -22.42 11.32
CA LEU A 215 -3.77 -23.83 11.04
C LEU A 215 -4.42 -24.81 12.03
N THR A 216 -4.48 -24.42 13.31
CA THR A 216 -5.07 -25.28 14.35
C THR A 216 -6.57 -25.08 14.53
N GLY A 217 -7.15 -24.10 13.83
CA GLY A 217 -8.57 -23.84 13.93
C GLY A 217 -8.99 -22.99 15.12
N LYS A 218 -8.06 -22.51 15.93
CA LYS A 218 -8.37 -21.53 16.97
C LYS A 218 -9.00 -20.26 16.35
N VAL A 219 -8.52 -19.88 15.16
CA VAL A 219 -9.15 -18.84 14.34
C VAL A 219 -9.50 -19.46 12.98
N ASN A 220 -10.69 -19.15 12.49
CA ASN A 220 -11.17 -19.63 11.19
C ASN A 220 -10.70 -18.63 10.11
N PRO A 221 -9.94 -19.09 9.09
CA PRO A 221 -9.47 -18.22 8.02
C PRO A 221 -10.56 -17.39 7.39
N SER A 222 -10.27 -16.10 7.17
CA SER A 222 -11.22 -15.17 6.58
C SER A 222 -10.55 -14.14 5.66
N GLY A 223 -9.36 -14.45 5.15
CA GLY A 223 -8.60 -13.53 4.31
C GLY A 223 -9.09 -13.64 2.89
N LYS A 224 -8.93 -12.57 2.12
CA LYS A 224 -9.34 -12.56 0.70
C LYS A 224 -8.23 -11.97 -0.15
N LEU A 225 -8.13 -12.43 -1.40
CA LEU A 225 -7.18 -11.91 -2.37
C LEU A 225 -7.47 -10.45 -2.73
N THR A 226 -6.41 -9.63 -2.74
CA THR A 226 -6.48 -8.25 -3.18
C THR A 226 -6.04 -8.08 -4.63
N ASP A 227 -5.65 -9.19 -5.27
CA ASP A 227 -5.35 -9.23 -6.70
C ASP A 227 -6.00 -10.42 -7.36
N THR A 228 -6.11 -10.35 -8.69
CA THR A 228 -6.59 -11.46 -9.50
C THR A 228 -5.42 -12.37 -9.78
N ILE A 229 -5.63 -13.67 -9.60
CA ILE A 229 -4.64 -14.66 -9.98
C ILE A 229 -5.06 -15.27 -11.33
N ALA A 230 -4.25 -15.00 -12.35
CA ALA A 230 -4.47 -15.52 -13.68
C ALA A 230 -3.58 -16.73 -13.87
N TYR A 231 -3.88 -17.53 -14.89
CA TYR A 231 -3.06 -18.71 -15.20
C TYR A 231 -1.62 -18.44 -15.65
N GLU A 232 -1.35 -17.35 -16.36
CA GLU A 232 0.00 -17.03 -16.86
C GLU A 232 0.33 -15.55 -16.70
N ILE A 233 1.61 -15.23 -16.55
CA ILE A 233 2.08 -13.84 -16.51
C ILE A 233 1.69 -13.06 -17.77
N ASN A 234 1.74 -13.72 -18.93
CA ASN A 234 1.31 -13.09 -20.19
C ASN A 234 -0.18 -12.75 -20.29
N ASP A 235 -1.03 -13.37 -19.48
CA ASP A 235 -2.45 -13.00 -19.42
C ASP A 235 -2.72 -11.61 -18.81
N TYR A 236 -1.80 -11.13 -17.97
CA TYR A 236 -1.98 -9.83 -17.31
C TYR A 236 -1.86 -8.71 -18.34
N PRO A 237 -2.82 -7.76 -18.35
CA PRO A 237 -2.87 -6.76 -19.41
C PRO A 237 -1.68 -5.82 -19.42
N SER A 238 -1.01 -5.65 -18.28
CA SER A 238 0.18 -4.80 -18.17
C SER A 238 1.49 -5.47 -18.59
N THR A 239 1.54 -6.79 -18.69
CA THR A 239 2.80 -7.51 -18.97
C THR A 239 3.46 -7.08 -20.29
N GLU A 240 2.66 -6.92 -21.34
CA GLU A 240 3.12 -6.36 -22.62
C GLU A 240 3.90 -5.04 -22.44
N ASN A 241 3.49 -4.21 -21.49
CA ASN A 241 4.06 -2.88 -21.28
C ASN A 241 4.61 -2.70 -19.87
N PHE A 242 5.34 -3.69 -19.39
CA PHE A 242 5.98 -3.63 -18.08
C PHE A 242 7.38 -4.18 -18.24
N GLY A 243 8.31 -3.70 -17.42
CA GLY A 243 9.66 -4.25 -17.36
C GLY A 243 10.71 -3.52 -18.18
N ASP A 244 10.32 -2.42 -18.83
CA ASP A 244 11.25 -1.60 -19.62
C ASP A 244 11.85 -0.52 -18.71
N PRO A 245 13.18 -0.48 -18.57
CA PRO A 245 13.79 0.51 -17.67
C PRO A 245 13.64 1.99 -18.08
N VAL A 246 13.45 2.27 -19.37
CA VAL A 246 13.42 3.65 -19.90
C VAL A 246 12.00 4.23 -19.89
N ARG A 247 11.03 3.48 -20.39
CA ARG A 247 9.68 4.00 -20.62
C ARG A 247 8.67 2.86 -20.69
N ASP A 248 7.50 3.04 -20.09
CA ASP A 248 6.42 2.07 -20.23
C ASP A 248 5.12 2.82 -20.47
N TYR A 249 4.38 2.39 -21.49
CA TYR A 249 3.08 2.96 -21.84
C TYR A 249 1.98 2.16 -21.13
N TYR A 250 1.15 2.85 -20.36
CA TYR A 250 0.08 2.21 -19.60
C TYR A 250 -1.11 2.00 -20.54
N ALA A 251 -0.93 1.13 -21.52
CA ALA A 251 -1.91 0.96 -22.61
C ALA A 251 -3.18 0.29 -22.11
N GLU A 252 -3.06 -0.57 -21.10
CA GLU A 252 -4.25 -1.14 -20.44
C GLU A 252 -5.18 -0.08 -19.83
N ASP A 253 -4.63 1.11 -19.55
CA ASP A 253 -5.41 2.27 -19.13
C ASP A 253 -6.16 1.94 -17.81
N ILE A 254 -7.48 2.16 -17.76
CA ILE A 254 -8.25 1.81 -16.57
C ILE A 254 -8.42 0.29 -16.38
N TYR A 255 -8.08 -0.51 -17.41
CA TYR A 255 -8.33 -1.96 -17.36
C TYR A 255 -7.15 -2.69 -16.71
N VAL A 256 -7.02 -2.46 -15.40
CA VAL A 256 -5.99 -3.03 -14.53
C VAL A 256 -6.63 -4.13 -13.68
N GLY A 257 -5.98 -5.29 -13.63
CA GLY A 257 -6.46 -6.41 -12.80
C GLY A 257 -7.86 -6.91 -13.19
N TYR A 258 -8.74 -7.05 -12.20
CA TYR A 258 -10.09 -7.55 -12.44
C TYR A 258 -10.91 -6.61 -13.36
N ARG A 259 -10.55 -5.33 -13.42
CA ARG A 259 -11.16 -4.43 -14.42
C ARG A 259 -10.94 -4.92 -15.86
N TYR A 260 -9.79 -5.52 -16.12
CA TYR A 260 -9.54 -6.20 -17.40
C TYR A 260 -10.20 -7.59 -17.47
N PHE A 261 -9.89 -8.45 -16.51
CA PHE A 261 -10.23 -9.88 -16.60
C PHE A 261 -11.74 -10.13 -16.60
N GLU A 262 -12.46 -9.51 -15.68
CA GLU A 262 -13.90 -9.71 -15.61
C GLU A 262 -14.65 -9.14 -16.81
N THR A 263 -14.04 -8.17 -17.49
CA THR A 263 -14.64 -7.49 -18.63
C THR A 263 -14.35 -8.21 -19.95
N PHE A 264 -13.14 -8.74 -20.12
CA PHE A 264 -12.65 -9.28 -21.40
C PHE A 264 -12.20 -10.75 -21.40
N GLU A 265 -11.73 -11.28 -20.26
CA GLU A 265 -10.99 -12.52 -20.25
C GLU A 265 -11.29 -13.34 -18.98
N LYS A 266 -12.56 -13.67 -18.79
CA LYS A 266 -12.98 -14.43 -17.62
C LYS A 266 -12.25 -15.76 -17.45
N SER A 267 -11.99 -16.44 -18.57
CA SER A 267 -11.39 -17.78 -18.55
C SER A 267 -9.88 -17.80 -18.26
N LYS A 268 -9.20 -16.66 -18.32
CA LYS A 268 -7.80 -16.58 -17.90
C LYS A 268 -7.58 -16.50 -16.38
N VAL A 269 -8.66 -16.40 -15.60
CA VAL A 269 -8.61 -16.26 -14.14
C VAL A 269 -8.62 -17.62 -13.44
N ARG A 270 -7.63 -17.89 -12.58
CA ARG A 270 -7.70 -19.05 -11.66
C ARG A 270 -8.48 -18.65 -10.42
N TYR A 271 -7.99 -17.62 -9.72
CA TYR A 271 -8.69 -17.09 -8.54
C TYR A 271 -9.03 -15.61 -8.76
N PRO A 272 -10.33 -15.26 -8.70
CA PRO A 272 -10.72 -13.87 -8.94
C PRO A 272 -10.40 -12.95 -7.75
N PHE A 273 -10.40 -11.64 -8.03
CA PHE A 273 -10.26 -10.61 -7.01
C PHE A 273 -11.30 -10.82 -5.92
N GLY A 274 -10.86 -10.74 -4.67
CA GLY A 274 -11.72 -10.91 -3.50
C GLY A 274 -12.00 -12.35 -3.08
N TYR A 275 -11.30 -13.31 -3.70
CA TYR A 275 -11.51 -14.73 -3.42
C TYR A 275 -10.80 -15.16 -2.15
N GLY A 276 -11.49 -16.00 -1.38
CA GLY A 276 -10.91 -16.67 -0.24
C GLY A 276 -11.98 -17.51 0.46
N ILE A 277 -11.57 -18.67 0.98
CA ILE A 277 -12.48 -19.60 1.66
C ILE A 277 -12.20 -19.76 3.15
N SER A 278 -13.06 -20.52 3.81
CA SER A 278 -13.13 -20.65 5.26
C SER A 278 -13.25 -22.13 5.62
N TYR A 279 -13.15 -22.45 6.91
CA TYR A 279 -13.51 -23.79 7.40
C TYR A 279 -15.03 -24.00 7.52
N THR A 280 -15.83 -22.93 7.43
CA THR A 280 -17.28 -23.04 7.31
C THR A 280 -17.71 -22.57 5.92
N GLU A 281 -19.04 -22.51 5.72
CA GLU A 281 -19.66 -22.10 4.45
C GLU A 281 -20.65 -21.00 4.76
N PHE A 282 -20.85 -20.10 3.80
CA PHE A 282 -21.72 -18.95 4.01
C PHE A 282 -22.71 -18.81 2.86
N GLU A 283 -23.87 -18.26 3.19
CA GLU A 283 -24.91 -17.98 2.20
C GLU A 283 -25.15 -16.47 2.21
N HIS A 284 -24.97 -15.82 1.06
CA HIS A 284 -25.22 -14.37 0.94
C HIS A 284 -26.59 -14.16 0.28
N THR A 285 -27.51 -13.53 1.00
CA THR A 285 -28.87 -13.32 0.51
C THR A 285 -29.12 -11.84 0.25
N VAL A 286 -29.24 -11.48 -1.02
CA VAL A 286 -29.48 -10.09 -1.40
C VAL A 286 -30.75 -9.55 -0.74
N GLY A 287 -30.74 -8.27 -0.37
CA GLY A 287 -31.82 -7.65 0.43
C GLY A 287 -32.33 -6.37 -0.23
N GLU A 288 -32.83 -5.46 0.61
CA GLU A 288 -33.42 -4.20 0.16
C GLU A 288 -32.42 -3.33 -0.64
N PHE A 289 -32.93 -2.63 -1.65
CA PHE A 289 -32.14 -1.71 -2.47
C PHE A 289 -32.90 -0.42 -2.74
N THR A 290 -32.32 0.71 -2.37
CA THR A 290 -32.88 2.01 -2.69
C THR A 290 -31.79 2.88 -3.28
N ALA A 291 -32.18 3.82 -4.14
CA ALA A 291 -31.28 4.80 -4.71
C ALA A 291 -31.80 6.19 -4.41
N ASP A 292 -30.88 7.13 -4.22
CA ASP A 292 -31.22 8.52 -3.95
C ASP A 292 -30.40 9.40 -4.90
N ILE A 293 -30.95 9.60 -6.10
CA ILE A 293 -30.26 10.33 -7.18
C ILE A 293 -29.89 11.77 -6.77
N ASN A 294 -30.73 12.44 -5.97
CA ASN A 294 -30.45 13.83 -5.55
C ASN A 294 -29.27 13.92 -4.58
N SER A 295 -29.15 12.97 -3.65
CA SER A 295 -27.97 12.87 -2.76
C SER A 295 -26.74 12.21 -3.41
N ARG A 296 -26.88 11.69 -4.62
CA ARG A 296 -25.85 10.93 -5.30
C ARG A 296 -25.35 9.75 -4.44
N THR A 297 -26.28 8.95 -3.95
CA THR A 297 -25.98 7.70 -3.25
C THR A 297 -26.97 6.62 -3.61
N PHE A 298 -26.58 5.38 -3.38
CA PHE A 298 -27.53 4.29 -3.21
C PHE A 298 -27.24 3.60 -1.88
N THR A 299 -28.21 2.81 -1.43
CA THR A 299 -28.11 2.06 -0.20
C THR A 299 -28.52 0.63 -0.51
N ALA A 300 -27.67 -0.32 -0.10
CA ALA A 300 -27.83 -1.72 -0.43
C ALA A 300 -27.66 -2.55 0.81
N SER A 301 -28.56 -3.51 1.01
CA SER A 301 -28.51 -4.45 2.10
C SER A 301 -28.39 -5.88 1.62
N CYS A 302 -27.77 -6.71 2.46
CA CYS A 302 -27.77 -8.15 2.27
C CYS A 302 -27.56 -8.82 3.63
N THR A 303 -27.80 -10.12 3.66
CA THR A 303 -27.62 -10.91 4.88
C THR A 303 -26.65 -12.02 4.59
N VAL A 304 -25.65 -12.17 5.47
CA VAL A 304 -24.68 -13.26 5.40
C VAL A 304 -24.95 -14.23 6.54
N LYS A 305 -25.08 -15.50 6.19
CA LYS A 305 -25.45 -16.55 7.13
C LYS A 305 -24.41 -17.65 7.09
N ASN A 306 -23.99 -18.07 8.27
CA ASN A 306 -23.10 -19.21 8.42
C ASN A 306 -23.95 -20.47 8.29
N THR A 307 -23.80 -21.18 7.18
CA THR A 307 -24.55 -22.39 6.92
C THR A 307 -23.72 -23.67 7.15
N GLY A 308 -22.51 -23.55 7.69
CA GLY A 308 -21.66 -24.71 7.99
C GLY A 308 -21.61 -24.95 9.48
N SER A 309 -20.66 -25.77 9.91
CA SER A 309 -20.68 -26.31 11.28
C SER A 309 -19.69 -25.67 12.26
N VAL A 310 -18.85 -24.73 11.81
CA VAL A 310 -17.92 -24.02 12.69
C VAL A 310 -18.08 -22.50 12.57
N ALA A 311 -17.79 -21.78 13.65
CA ALA A 311 -17.89 -20.31 13.66
C ALA A 311 -16.86 -19.66 12.74
N GLY A 312 -17.21 -18.51 12.18
CA GLY A 312 -16.31 -17.81 11.27
C GLY A 312 -16.83 -16.48 10.77
N LYS A 313 -15.92 -15.68 10.20
CA LYS A 313 -16.24 -14.40 9.53
C LYS A 313 -16.32 -14.58 8.03
N ASP A 314 -17.12 -13.74 7.37
CA ASP A 314 -17.08 -13.60 5.91
C ASP A 314 -17.07 -12.13 5.49
N VAL A 315 -16.75 -11.89 4.21
CA VAL A 315 -16.75 -10.54 3.64
C VAL A 315 -17.83 -10.38 2.58
N ALA A 316 -18.72 -9.41 2.78
CA ALA A 316 -19.68 -9.02 1.77
C ALA A 316 -19.02 -7.95 0.90
N GLN A 317 -18.98 -8.19 -0.42
CA GLN A 317 -18.33 -7.29 -1.37
C GLN A 317 -19.35 -6.78 -2.38
N PHE A 318 -19.34 -5.46 -2.60
CA PHE A 318 -20.32 -4.79 -3.45
C PHE A 318 -19.64 -4.19 -4.67
N TYR A 319 -20.25 -4.42 -5.83
CA TYR A 319 -19.70 -4.04 -7.12
C TYR A 319 -20.75 -3.30 -7.94
N VAL A 320 -20.30 -2.38 -8.81
CA VAL A 320 -21.20 -1.64 -9.70
C VAL A 320 -20.80 -1.90 -11.15
N SER A 321 -21.79 -2.22 -11.97
CA SER A 321 -21.63 -2.26 -13.43
C SER A 321 -22.26 -1.01 -14.04
N ALA A 322 -21.40 -0.11 -14.54
CA ALA A 322 -21.86 1.13 -15.15
C ALA A 322 -22.16 0.88 -16.63
N PRO A 323 -23.10 1.66 -17.21
CA PRO A 323 -23.37 1.53 -18.63
C PRO A 323 -22.17 1.96 -19.49
N GLN A 324 -21.90 1.20 -20.56
CA GLN A 324 -20.72 1.44 -21.39
C GLN A 324 -20.63 2.88 -21.87
N GLY A 325 -21.74 3.42 -22.38
CA GLY A 325 -21.80 4.79 -22.88
C GLY A 325 -20.77 5.04 -23.94
N LYS A 326 -20.27 6.27 -24.02
CA LYS A 326 -19.24 6.62 -25.00
C LYS A 326 -17.80 6.30 -24.54
N LEU A 327 -17.56 6.36 -23.24
CA LEU A 327 -16.21 6.13 -22.70
C LEU A 327 -15.80 4.66 -22.65
N GLY A 328 -16.76 3.76 -22.46
CA GLY A 328 -16.44 2.36 -22.17
C GLY A 328 -16.16 2.18 -20.68
N LYS A 329 -16.47 0.99 -20.15
CA LYS A 329 -16.38 0.75 -18.71
C LYS A 329 -15.95 -0.70 -18.42
N PRO A 330 -15.32 -0.92 -17.25
CA PRO A 330 -15.17 -2.28 -16.74
C PRO A 330 -16.54 -2.87 -16.42
N GLU A 331 -16.67 -4.19 -16.55
CA GLU A 331 -17.92 -4.87 -16.22
C GLU A 331 -18.32 -4.59 -14.78
N LYS A 332 -17.36 -4.66 -13.84
CA LYS A 332 -17.61 -4.46 -12.41
C LYS A 332 -16.48 -3.71 -11.72
N VAL A 333 -16.83 -2.76 -10.85
CA VAL A 333 -15.85 -2.04 -10.02
C VAL A 333 -16.28 -2.13 -8.56
N LEU A 334 -15.34 -2.38 -7.66
CA LEU A 334 -15.61 -2.50 -6.23
C LEU A 334 -15.93 -1.12 -5.68
N VAL A 335 -17.02 -1.05 -4.93
CA VAL A 335 -17.48 0.22 -4.32
C VAL A 335 -17.71 0.18 -2.81
N ALA A 336 -17.80 -1.01 -2.22
CA ALA A 336 -18.01 -1.17 -0.79
C ALA A 336 -17.75 -2.61 -0.37
N PHE A 337 -17.37 -2.78 0.88
CA PHE A 337 -17.23 -4.11 1.46
C PHE A 337 -17.39 -4.05 2.95
N LYS A 338 -17.78 -5.17 3.53
CA LYS A 338 -17.96 -5.25 4.96
C LYS A 338 -17.73 -6.66 5.42
N LYS A 339 -16.80 -6.80 6.37
CA LYS A 339 -16.52 -8.09 6.98
C LYS A 339 -17.45 -8.28 8.18
N THR A 340 -18.05 -9.46 8.29
CA THR A 340 -18.92 -9.77 9.43
C THR A 340 -18.13 -9.92 10.72
N GLY A 341 -18.81 -9.77 11.86
CA GLY A 341 -18.30 -10.31 13.12
C GLY A 341 -18.24 -11.84 13.04
N ILE A 342 -17.71 -12.46 14.09
CA ILE A 342 -17.71 -13.93 14.15
C ILE A 342 -19.16 -14.40 14.22
N LEU A 343 -19.54 -15.27 13.29
CA LEU A 343 -20.89 -15.80 13.21
C LEU A 343 -20.84 -17.25 13.61
N ASN A 344 -21.65 -17.63 14.60
CA ASN A 344 -21.79 -19.05 14.96
C ASN A 344 -22.62 -19.80 13.93
N PRO A 345 -22.49 -21.14 13.89
CA PRO A 345 -23.27 -21.96 12.93
C PRO A 345 -24.76 -21.63 12.94
N GLY A 346 -25.35 -21.48 11.76
CA GLY A 346 -26.75 -21.09 11.64
C GLY A 346 -27.09 -19.66 11.99
N LYS A 347 -26.13 -18.83 12.42
CA LYS A 347 -26.38 -17.40 12.70
C LYS A 347 -26.13 -16.55 11.47
N GLU A 348 -26.59 -15.30 11.53
CA GLU A 348 -26.50 -14.40 10.41
C GLU A 348 -26.32 -12.94 10.81
N GLU A 349 -25.87 -12.13 9.86
CA GLU A 349 -25.68 -10.69 10.06
C GLU A 349 -26.20 -9.92 8.85
N LYS A 350 -27.00 -8.88 9.12
CA LYS A 350 -27.45 -7.96 8.09
C LYS A 350 -26.39 -6.89 7.89
N ILE A 351 -26.01 -6.69 6.62
CA ILE A 351 -25.02 -5.70 6.23
C ILE A 351 -25.68 -4.68 5.31
N THR A 352 -25.63 -3.40 5.69
CA THR A 352 -26.09 -2.29 4.86
C THR A 352 -24.93 -1.36 4.51
N VAL A 353 -24.83 -0.92 3.25
CA VAL A 353 -23.82 0.06 2.83
C VAL A 353 -24.52 1.21 2.11
N THR A 354 -24.02 2.42 2.33
CA THR A 354 -24.40 3.59 1.53
C THR A 354 -23.20 3.99 0.69
N VAL A 355 -23.45 4.10 -0.62
CA VAL A 355 -22.39 4.22 -1.60
C VAL A 355 -22.61 5.50 -2.38
N PRO A 356 -21.68 6.47 -2.24
CA PRO A 356 -21.75 7.67 -3.06
C PRO A 356 -21.35 7.41 -4.50
N PHE A 357 -21.96 8.16 -5.41
CA PHE A 357 -21.80 7.96 -6.86
C PHE A 357 -20.37 8.17 -7.31
N ASP A 358 -19.63 9.03 -6.61
CA ASP A 358 -18.23 9.25 -6.90
C ASP A 358 -17.37 7.97 -6.87
N ARG A 359 -17.83 6.91 -6.20
CA ARG A 359 -17.09 5.63 -6.21
C ARG A 359 -17.16 4.86 -7.51
N PHE A 360 -18.10 5.18 -8.39
CA PHE A 360 -18.17 4.51 -9.68
C PHE A 360 -18.29 5.51 -10.84
N ALA A 361 -17.78 6.72 -10.63
CA ALA A 361 -17.77 7.75 -11.67
C ALA A 361 -16.64 7.46 -12.65
N SER A 362 -16.70 8.07 -13.83
CA SER A 362 -15.69 7.91 -14.87
C SER A 362 -15.12 9.29 -15.20
N PHE A 363 -13.81 9.36 -15.45
CA PHE A 363 -13.16 10.63 -15.83
C PHE A 363 -13.14 10.79 -17.35
N ASP A 364 -13.80 11.83 -17.84
CA ASP A 364 -13.84 12.10 -19.30
C ASP A 364 -12.60 12.91 -19.70
N ASP A 365 -11.61 12.22 -20.29
CA ASP A 365 -10.40 12.90 -20.76
C ASP A 365 -10.40 13.22 -22.27
N THR A 366 -11.48 12.88 -22.97
CA THR A 366 -11.60 13.15 -24.41
C THR A 366 -12.64 14.22 -24.74
N GLY A 367 -13.65 14.39 -23.89
CA GLY A 367 -14.79 15.27 -24.16
C GLY A 367 -15.99 14.60 -24.83
N VAL A 368 -15.94 13.29 -25.07
CA VAL A 368 -17.07 12.58 -25.69
C VAL A 368 -18.38 12.58 -24.87
N THR A 369 -18.32 12.86 -23.57
CA THR A 369 -19.54 12.97 -22.77
C THR A 369 -20.11 14.39 -22.73
N GLY A 370 -19.43 15.34 -23.37
CA GLY A 370 -19.73 16.76 -23.22
C GLY A 370 -19.17 17.40 -21.95
N ALA A 371 -18.40 16.67 -21.15
CA ALA A 371 -17.86 17.21 -19.90
C ALA A 371 -16.40 16.79 -19.70
N GLU A 372 -15.54 17.24 -20.61
CA GLU A 372 -14.11 16.98 -20.55
C GLU A 372 -13.54 17.48 -19.23
N SER A 373 -12.62 16.72 -18.65
CA SER A 373 -11.97 17.04 -17.37
C SER A 373 -12.92 17.01 -16.18
N CYS A 374 -13.95 16.17 -16.26
CA CYS A 374 -14.88 15.97 -15.15
C CYS A 374 -15.01 14.51 -14.83
N PHE A 375 -15.35 14.22 -13.58
CA PHE A 375 -15.86 12.91 -13.22
C PHE A 375 -17.36 12.90 -13.57
N VAL A 376 -17.81 11.87 -14.28
CA VAL A 376 -19.19 11.80 -14.75
C VAL A 376 -19.78 10.41 -14.62
N LEU A 377 -21.09 10.36 -14.41
CA LEU A 377 -21.88 9.16 -14.62
C LEU A 377 -22.62 9.33 -15.94
N GLU A 378 -22.31 8.50 -16.93
CA GLU A 378 -23.02 8.56 -18.20
C GLU A 378 -24.46 8.05 -18.05
N ALA A 379 -25.34 8.50 -18.95
CA ALA A 379 -26.73 8.00 -19.00
C ALA A 379 -26.78 6.50 -19.26
N GLY A 380 -27.74 5.82 -18.66
CA GLY A 380 -27.92 4.38 -18.81
C GLY A 380 -28.23 3.69 -17.50
N GLU A 381 -28.14 2.37 -17.53
CA GLU A 381 -28.49 1.51 -16.41
C GLU A 381 -27.27 1.19 -15.57
N TYR A 382 -27.39 1.44 -14.27
CA TYR A 382 -26.40 1.05 -13.27
C TYR A 382 -26.90 -0.17 -12.52
N THR A 383 -26.15 -1.27 -12.60
CA THR A 383 -26.48 -2.49 -11.88
C THR A 383 -25.50 -2.65 -10.72
N VAL A 384 -26.04 -2.94 -9.52
CA VAL A 384 -25.26 -3.21 -8.32
C VAL A 384 -25.26 -4.72 -8.03
N TYR A 385 -24.10 -5.25 -7.65
CA TYR A 385 -23.92 -6.67 -7.35
C TYR A 385 -23.34 -6.85 -5.94
N GLU A 386 -23.72 -7.94 -5.27
CA GLU A 386 -23.15 -8.27 -3.96
C GLU A 386 -22.72 -9.72 -3.97
N GLY A 387 -21.63 -10.05 -3.27
CA GLY A 387 -21.23 -11.44 -3.15
C GLY A 387 -19.92 -11.67 -2.45
N LYS A 388 -19.38 -12.85 -2.67
CA LYS A 388 -18.20 -13.35 -1.98
C LYS A 388 -16.88 -12.94 -2.65
N ASN A 389 -16.94 -12.73 -3.96
CA ASN A 389 -15.82 -12.19 -4.73
C ASN A 389 -16.38 -11.55 -6.01
N VAL A 390 -15.54 -10.97 -6.86
CA VAL A 390 -16.05 -10.25 -8.03
C VAL A 390 -16.81 -11.18 -8.99
N ARG A 391 -16.31 -12.41 -9.15
CA ARG A 391 -16.95 -13.37 -10.05
C ARG A 391 -18.27 -13.86 -9.48
N GLU A 392 -18.26 -14.25 -8.21
CA GLU A 392 -19.47 -14.74 -7.55
C GLU A 392 -20.13 -13.57 -6.86
N SER A 393 -20.52 -12.56 -7.64
CA SER A 393 -21.34 -11.47 -7.15
C SER A 393 -22.61 -11.43 -7.98
N TYR A 394 -23.73 -11.19 -7.31
CA TYR A 394 -25.04 -11.35 -7.92
C TYR A 394 -25.88 -10.09 -7.74
N LYS A 395 -26.88 -9.95 -8.60
CA LYS A 395 -27.64 -8.74 -8.73
C LYS A 395 -28.36 -8.37 -7.43
N GLU A 396 -28.08 -7.17 -6.97
CA GLU A 396 -28.59 -6.61 -5.74
C GLU A 396 -29.65 -5.54 -6.05
N GLY A 397 -29.46 -4.81 -7.14
CA GLY A 397 -30.41 -3.80 -7.58
C GLY A 397 -29.96 -3.08 -8.83
N SER A 398 -30.78 -2.14 -9.28
CA SER A 398 -30.50 -1.34 -10.45
C SER A 398 -31.26 -0.05 -10.44
N PHE A 399 -30.76 0.90 -11.22
CA PHE A 399 -31.40 2.18 -11.45
C PHE A 399 -30.90 2.75 -12.76
N THR A 400 -31.70 3.62 -13.37
CA THR A 400 -31.39 4.14 -14.71
C THR A 400 -31.41 5.66 -14.70
N LEU A 401 -30.37 6.23 -15.31
CA LEU A 401 -30.21 7.67 -15.45
C LEU A 401 -30.52 8.03 -16.89
N GLU A 402 -31.50 8.91 -17.09
CA GLU A 402 -31.81 9.43 -18.43
C GLU A 402 -30.82 10.48 -18.94
N GLU A 403 -30.08 11.13 -18.05
CA GLU A 403 -29.03 12.07 -18.48
C GLU A 403 -27.76 11.96 -17.63
N ASN A 404 -26.67 12.44 -18.20
CA ASN A 404 -25.39 12.46 -17.52
C ASN A 404 -25.45 13.25 -16.23
N ILE A 405 -24.73 12.78 -15.21
CA ILE A 405 -24.54 13.52 -13.98
C ILE A 405 -23.05 13.80 -13.84
N VAL A 406 -22.68 15.07 -13.72
CA VAL A 406 -21.30 15.45 -13.45
C VAL A 406 -21.11 15.40 -11.94
N THR A 407 -20.33 14.46 -11.45
CA THR A 407 -20.06 14.36 -10.01
C THR A 407 -19.04 15.38 -9.55
N GLU A 408 -18.08 15.75 -10.42
CA GLU A 408 -17.11 16.79 -10.06
C GLU A 408 -16.44 17.44 -11.27
N LYS A 409 -16.32 18.76 -11.25
CA LYS A 409 -15.56 19.50 -12.28
C LYS A 409 -14.10 19.64 -11.89
N LEU A 410 -13.19 19.18 -12.74
CA LEU A 410 -11.75 19.22 -12.47
C LEU A 410 -11.02 20.00 -13.59
N SER A 411 -9.81 19.61 -13.95
CA SER A 411 -9.06 20.34 -14.96
C SER A 411 -8.16 19.39 -15.70
N LYS A 412 -7.61 19.90 -16.79
CA LYS A 412 -6.67 19.17 -17.61
C LYS A 412 -5.29 19.20 -16.92
N ALA A 413 -4.92 18.10 -16.25
CA ALA A 413 -3.74 18.06 -15.38
C ALA A 413 -3.03 16.74 -15.48
N LEU A 414 -1.70 16.81 -15.56
CA LEU A 414 -0.81 15.65 -15.58
C LEU A 414 -1.09 14.77 -16.80
N ALA A 415 -1.53 15.41 -17.88
CA ALA A 415 -1.88 14.71 -19.13
C ALA A 415 -0.61 14.25 -19.86
N PRO A 416 -0.71 13.18 -20.68
CA PRO A 416 0.49 12.71 -21.38
C PRO A 416 1.01 13.69 -22.45
N MET A 417 2.33 13.69 -22.59
CA MET A 417 3.04 14.60 -23.48
C MET A 417 3.33 14.00 -24.85
N GLU A 418 3.01 12.72 -25.03
CA GLU A 418 3.16 12.02 -26.32
C GLU A 418 1.99 11.06 -26.49
N SER A 419 1.58 10.82 -27.73
CA SER A 419 0.43 9.96 -28.01
C SER A 419 0.83 8.49 -27.93
N PHE A 420 -0.15 7.65 -27.62
CA PHE A 420 0.02 6.20 -27.60
C PHE A 420 -1.37 5.62 -27.69
N LYS A 421 -1.45 4.35 -28.04
CA LYS A 421 -2.72 3.67 -28.15
C LYS A 421 -3.09 3.01 -26.83
N ARG A 422 -4.34 3.23 -26.39
CA ARG A 422 -4.88 2.59 -25.19
C ARG A 422 -6.00 1.63 -25.51
N MET A 423 -6.17 0.63 -24.64
CA MET A 423 -7.31 -0.28 -24.71
C MET A 423 -8.63 0.46 -24.57
N LYS A 424 -9.63 -0.05 -25.29
CA LYS A 424 -10.98 0.51 -25.35
C LYS A 424 -11.94 -0.67 -25.27
N ALA A 425 -12.96 -0.57 -24.41
CA ALA A 425 -14.06 -1.55 -24.42
C ALA A 425 -14.91 -1.34 -25.68
N SER A 426 -15.03 -2.38 -26.48
CA SER A 426 -15.78 -2.33 -27.74
C SER A 426 -16.90 -3.36 -27.69
N GLU A 427 -18.13 -2.91 -27.95
CA GLU A 427 -19.31 -3.77 -27.86
C GLU A 427 -19.51 -4.53 -29.18
N ASN A 428 -19.42 -5.86 -29.13
CA ASN A 428 -19.64 -6.71 -30.31
C ASN A 428 -21.12 -6.91 -30.60
N SER A 429 -21.39 -7.50 -31.76
CA SER A 429 -22.75 -7.93 -32.17
C SER A 429 -23.41 -8.91 -31.19
N ASP A 430 -22.61 -9.63 -30.42
CA ASP A 430 -23.10 -10.62 -29.45
C ASP A 430 -23.59 -9.99 -28.13
N GLY A 431 -23.45 -8.67 -27.98
CA GLY A 431 -23.60 -8.03 -26.68
C GLY A 431 -22.45 -8.33 -25.71
N THR A 432 -21.32 -8.80 -26.24
CA THR A 432 -20.11 -9.06 -25.46
C THR A 432 -19.18 -7.86 -25.64
N LEU A 433 -18.11 -7.82 -24.85
CA LEU A 433 -17.10 -6.78 -24.92
C LEU A 433 -15.78 -7.35 -25.39
N SER A 434 -15.13 -6.66 -26.33
CA SER A 434 -13.77 -6.97 -26.80
C SER A 434 -12.87 -5.76 -26.65
N VAL A 435 -11.55 -6.01 -26.66
CA VAL A 435 -10.55 -4.95 -26.60
C VAL A 435 -10.29 -4.44 -28.01
N LYS A 436 -10.43 -3.13 -28.20
CA LYS A 436 -9.88 -2.43 -29.37
C LYS A 436 -8.96 -1.35 -28.85
N TYR A 437 -8.27 -0.64 -29.74
CA TYR A 437 -7.32 0.40 -29.35
C TYR A 437 -7.72 1.76 -29.89
N GLU A 438 -7.40 2.82 -29.16
CA GLU A 438 -7.71 4.20 -29.55
C GLU A 438 -6.54 5.09 -29.14
N ASP A 439 -6.40 6.23 -29.81
CA ASP A 439 -5.33 7.17 -29.53
C ASP A 439 -5.63 7.99 -28.29
N VAL A 440 -4.66 8.08 -27.39
CA VAL A 440 -4.79 8.93 -26.23
C VAL A 440 -4.45 10.34 -26.71
N PRO A 441 -5.32 11.32 -26.41
CA PRO A 441 -5.01 12.70 -26.78
C PRO A 441 -3.80 13.25 -26.00
N VAL A 442 -3.04 14.11 -26.66
CA VAL A 442 -1.83 14.68 -26.09
C VAL A 442 -2.20 15.98 -25.37
N SER A 443 -1.44 16.32 -24.33
CA SER A 443 -1.65 17.52 -23.54
C SER A 443 -1.54 18.78 -24.40
N ASP A 444 -2.41 19.75 -24.15
CA ASP A 444 -2.28 21.08 -24.73
C ASP A 444 -2.11 22.15 -23.64
N VAL A 445 -1.70 21.73 -22.44
CA VAL A 445 -1.57 22.63 -21.31
C VAL A 445 -0.32 23.47 -21.46
N ASP A 446 -0.46 24.77 -21.25
CA ASP A 446 0.65 25.71 -21.19
C ASP A 446 1.11 25.79 -19.73
N GLU A 447 2.17 25.04 -19.42
CA GLU A 447 2.63 24.91 -18.04
C GLU A 447 3.22 26.19 -17.48
N LYS A 448 3.98 26.90 -18.32
CA LYS A 448 4.53 28.22 -17.96
C LYS A 448 3.42 29.15 -17.48
N LYS A 449 2.38 29.27 -18.30
CA LYS A 449 1.26 30.19 -18.01
C LYS A 449 0.49 29.77 -16.76
N ARG A 450 0.20 28.47 -16.62
CA ARG A 450 -0.49 27.93 -15.43
C ARG A 450 0.22 28.32 -14.15
N ARG A 451 1.53 28.14 -14.12
CA ARG A 451 2.34 28.54 -12.94
C ARG A 451 2.26 30.06 -12.70
N LEU A 452 2.44 30.84 -13.76
CA LEU A 452 2.38 32.30 -13.63
C LEU A 452 0.99 32.83 -13.22
N ASP A 453 -0.07 32.30 -13.81
CA ASP A 453 -1.43 32.74 -13.45
C ASP A 453 -1.88 32.39 -12.03
N ASN A 454 -1.24 31.40 -11.40
CA ASN A 454 -1.63 30.96 -10.08
C ASN A 454 -0.58 31.24 -9.02
N MET A 455 0.34 32.16 -9.34
CA MET A 455 1.49 32.47 -8.49
C MET A 455 1.01 32.98 -7.14
N PRO A 456 1.52 32.43 -6.03
CA PRO A 456 1.10 32.96 -4.71
C PRO A 456 1.64 34.37 -4.43
N VAL A 457 1.03 35.05 -3.48
CA VAL A 457 1.36 36.44 -3.15
C VAL A 457 2.50 36.45 -2.15
N GLU A 458 3.49 37.30 -2.40
CA GLU A 458 4.64 37.40 -1.52
C GLU A 458 4.21 38.08 -0.23
N ILE A 459 4.84 37.66 0.87
CA ILE A 459 4.66 38.27 2.18
C ILE A 459 5.91 39.12 2.42
N PRO A 460 5.73 40.43 2.69
CA PRO A 460 6.92 41.26 2.90
C PRO A 460 7.67 40.85 4.17
N GLN A 461 8.99 40.66 4.04
CA GLN A 461 9.80 40.24 5.18
C GLN A 461 9.91 41.34 6.22
N ASP A 462 10.00 40.94 7.48
CA ASP A 462 10.12 41.85 8.62
C ASP A 462 10.95 41.15 9.71
N PHE A 463 12.23 41.50 9.78
CA PHE A 463 13.14 40.86 10.73
C PHE A 463 13.11 41.43 12.16
N THR A 464 12.43 42.55 12.40
CA THR A 464 12.32 43.10 13.77
C THR A 464 11.22 42.38 14.56
N ALA A 465 10.00 42.43 14.03
CA ALA A 465 8.85 41.77 14.67
C ALA A 465 9.09 40.26 14.66
N ARG A 466 9.39 39.72 15.85
CA ARG A 466 9.82 38.35 16.01
C ARG A 466 8.76 37.55 16.76
N TYR A 467 7.81 37.02 16.00
CA TYR A 467 6.82 36.09 16.54
C TYR A 467 7.37 34.67 16.56
N SER A 468 6.86 33.87 17.50
CA SER A 468 7.21 32.46 17.65
C SER A 468 6.17 31.60 16.90
N LEU A 469 6.55 30.38 16.50
CA LEU A 469 5.58 29.42 15.97
C LEU A 469 4.53 29.04 17.02
N LYS A 470 4.89 29.14 18.30
CA LYS A 470 3.91 29.02 19.40
C LYS A 470 2.76 30.04 19.29
N ASP A 471 3.10 31.27 18.89
CA ASP A 471 2.11 32.34 18.71
C ASP A 471 1.15 32.05 17.55
N VAL A 472 1.60 31.32 16.54
CA VAL A 472 0.71 30.87 15.48
C VAL A 472 -0.18 29.74 15.99
N LEU A 473 0.40 28.80 16.74
CA LEU A 473 -0.32 27.62 17.25
C LEU A 473 -1.45 28.03 18.18
N SER A 474 -1.15 28.98 19.08
CA SER A 474 -2.11 29.51 20.04
C SER A 474 -3.28 30.27 19.40
N GLY A 475 -3.08 30.78 18.18
CA GLY A 475 -4.07 31.62 17.51
C GLY A 475 -3.75 33.10 17.65
N SER A 476 -2.65 33.43 18.33
CA SER A 476 -2.29 34.82 18.61
C SER A 476 -1.97 35.61 17.31
N VAL A 477 -1.30 34.98 16.35
CA VAL A 477 -1.03 35.61 15.04
C VAL A 477 -1.29 34.67 13.86
N ASP A 478 -1.55 35.28 12.71
CA ASP A 478 -1.58 34.60 11.40
C ASP A 478 -0.25 33.90 11.12
N MET A 479 -0.33 32.77 10.43
CA MET A 479 0.85 32.12 9.91
C MET A 479 1.65 33.06 9.00
N GLU A 480 0.95 33.86 8.19
CA GLU A 480 1.58 34.89 7.32
C GLU A 480 2.38 35.92 8.11
N LYS A 481 1.83 36.35 9.25
CA LYS A 481 2.51 37.31 10.12
C LYS A 481 3.81 36.72 10.69
N PHE A 482 3.77 35.43 11.05
CA PHE A 482 4.95 34.72 11.55
C PHE A 482 6.04 34.52 10.48
N ILE A 483 5.63 34.11 9.29
CA ILE A 483 6.57 33.68 8.25
C ILE A 483 7.41 34.85 7.71
N ALA A 484 6.94 36.08 7.92
CA ALA A 484 7.65 37.29 7.54
C ALA A 484 9.05 37.42 8.12
N ARG A 485 9.31 36.81 9.28
CA ARG A 485 10.65 36.90 9.87
C ARG A 485 11.69 35.97 9.26
N LEU A 486 11.27 35.04 8.40
CA LEU A 486 12.23 34.15 7.74
C LEU A 486 13.02 34.91 6.66
N SER A 487 14.33 34.95 6.83
CA SER A 487 15.23 35.50 5.81
C SER A 487 15.30 34.53 4.65
N ASP A 488 15.96 34.94 3.58
CA ASP A 488 16.15 34.08 2.42
C ASP A 488 17.00 32.87 2.75
N ASP A 489 17.98 33.06 3.62
CA ASP A 489 18.73 31.94 4.21
C ASP A 489 17.81 30.97 4.93
N ASP A 490 16.93 31.49 5.79
CA ASP A 490 15.94 30.66 6.52
C ASP A 490 15.01 29.89 5.57
N LEU A 491 14.53 30.56 4.52
CA LEU A 491 13.68 29.95 3.51
C LEU A 491 14.38 28.87 2.71
N ALA A 492 15.62 29.14 2.32
CA ALA A 492 16.45 28.18 1.58
C ALA A 492 16.74 26.96 2.46
N CYS A 493 16.88 27.19 3.76
CA CYS A 493 17.23 26.15 4.68
C CYS A 493 16.04 25.25 5.06
N ILE A 494 14.87 25.84 5.30
CA ILE A 494 13.70 25.09 5.79
C ILE A 494 13.15 24.06 4.81
N VAL A 495 13.38 24.26 3.51
CA VAL A 495 12.98 23.27 2.49
C VAL A 495 13.95 22.06 2.36
N ARG A 496 14.99 22.00 3.20
CA ARG A 496 15.95 20.90 3.19
C ARG A 496 15.71 19.96 4.37
N GLY A 497 15.55 18.68 4.08
CA GLY A 497 15.57 17.65 5.11
C GLY A 497 17.00 17.27 5.40
N GLU A 498 17.29 16.93 6.65
CA GLU A 498 18.65 16.55 7.03
C GLU A 498 18.69 15.08 7.41
N GLY A 499 19.64 14.35 6.84
CA GLY A 499 19.78 12.94 7.10
C GLY A 499 20.69 12.25 6.09
N MET A 500 20.78 10.92 6.15
CA MET A 500 20.15 10.09 7.18
C MET A 500 20.91 10.18 8.51
N GLY A 501 20.20 9.88 9.59
CA GLY A 501 20.79 9.89 10.92
C GLY A 501 21.19 11.26 11.43
N SER A 502 20.45 12.30 11.07
CA SER A 502 20.70 13.63 11.64
C SER A 502 20.74 13.56 13.18
N SER A 503 21.64 14.31 13.79
CA SER A 503 21.74 14.29 15.25
C SER A 503 20.71 15.18 15.95
N LEU A 504 19.85 15.86 15.19
CA LEU A 504 18.76 16.64 15.75
C LEU A 504 17.58 15.78 16.23
N VAL A 505 17.53 14.52 15.79
CA VAL A 505 16.42 13.62 16.12
C VAL A 505 16.97 12.26 16.52
N THR A 506 16.09 11.38 16.98
CA THR A 506 16.45 10.02 17.36
C THR A 506 17.44 9.36 16.37
N ALA A 507 18.50 8.78 16.92
CA ALA A 507 19.55 8.16 16.12
C ALA A 507 19.00 7.05 15.24
N GLY A 508 19.55 6.97 14.04
CA GLY A 508 19.29 5.86 13.14
C GLY A 508 18.00 5.96 12.34
N THR A 509 17.37 7.14 12.32
CA THR A 509 16.15 7.38 11.55
C THR A 509 16.46 8.03 10.20
N ALA A 510 15.42 8.32 9.42
CA ALA A 510 15.57 8.77 8.02
C ALA A 510 15.88 10.25 7.87
N ALA A 511 15.25 11.11 8.68
CA ALA A 511 15.40 12.54 8.51
C ALA A 511 14.90 13.39 9.68
N ALA A 512 15.47 14.59 9.77
CA ALA A 512 14.91 15.70 10.54
C ALA A 512 14.48 16.79 9.56
N PHE A 513 13.38 17.48 9.86
CA PHE A 513 12.98 18.66 9.10
C PHE A 513 12.28 19.69 9.97
N GLY A 514 12.18 20.91 9.45
CA GLY A 514 11.64 22.04 10.19
C GLY A 514 12.77 22.82 10.85
N GLY A 515 13.07 22.50 12.10
CA GLY A 515 14.11 23.18 12.88
C GLY A 515 15.50 22.65 12.56
N VAL A 516 15.94 22.84 11.31
CA VAL A 516 17.21 22.30 10.82
C VAL A 516 18.32 23.37 10.81
N SER A 517 18.05 24.54 11.37
CA SER A 517 19.09 25.50 11.71
C SER A 517 18.83 26.07 13.10
N GLU A 518 19.87 26.71 13.64
CA GLU A 518 19.80 27.41 14.91
C GLU A 518 18.76 28.54 14.84
N TYR A 519 18.76 29.27 13.73
CA TYR A 519 17.80 30.37 13.49
C TYR A 519 16.35 29.91 13.38
N LEU A 520 16.12 28.74 12.76
CA LEU A 520 14.78 28.20 12.67
C LEU A 520 14.31 27.66 14.04
N ARG A 521 15.21 26.98 14.76
CA ARG A 521 14.89 26.52 16.11
C ARG A 521 14.57 27.67 17.08
N LYS A 522 15.22 28.81 16.90
CA LYS A 522 14.94 30.01 17.72
C LYS A 522 13.52 30.52 17.56
N MET A 523 12.91 30.28 16.40
CA MET A 523 11.50 30.61 16.16
C MET A 523 10.52 29.57 16.72
N ASP A 524 11.03 28.59 17.48
CA ASP A 524 10.25 27.46 17.99
C ASP A 524 9.69 26.58 16.88
N ILE A 525 10.43 26.46 15.78
CA ILE A 525 10.20 25.44 14.78
C ILE A 525 10.96 24.22 15.30
N PRO A 526 10.25 23.11 15.61
CA PRO A 526 10.92 21.92 16.09
C PRO A 526 11.53 21.06 14.98
N ALA A 527 12.50 20.23 15.35
CA ALA A 527 13.04 19.21 14.45
C ALA A 527 12.09 18.00 14.44
N VAL A 528 11.45 17.76 13.30
CA VAL A 528 10.48 16.70 13.16
C VAL A 528 11.17 15.49 12.54
N CYS A 529 10.95 14.32 13.14
CA CYS A 529 11.68 13.11 12.81
C CYS A 529 10.86 12.20 11.90
N CYS A 530 11.47 11.77 10.80
CA CYS A 530 10.90 10.79 9.86
C CYS A 530 11.64 9.49 10.00
N ASP A 531 10.93 8.39 9.81
CA ASP A 531 11.53 7.07 9.85
C ASP A 531 10.74 6.08 9.01
N ASP A 532 11.43 5.25 8.24
CA ASP A 532 10.80 4.07 7.67
C ASP A 532 10.31 3.18 8.84
N GLY A 533 9.29 2.34 8.63
CA GLY A 533 8.57 2.14 7.37
C GLY A 533 7.18 1.54 7.64
N PRO A 534 6.45 1.16 6.59
CA PRO A 534 5.06 0.70 6.80
C PRO A 534 4.92 -0.46 7.77
N SER A 535 5.88 -1.38 7.75
CA SER A 535 5.86 -2.56 8.60
C SER A 535 6.53 -2.40 9.99
N GLY A 536 6.85 -1.17 10.38
CA GLY A 536 7.46 -0.90 11.70
C GLY A 536 8.71 -0.04 11.59
N MET A 537 9.09 0.54 12.72
CA MET A 537 10.23 1.45 12.76
C MET A 537 11.59 0.78 12.48
N ARG A 538 12.27 1.33 11.49
CA ARG A 538 13.61 0.95 11.10
C ARG A 538 14.60 1.83 11.84
N LEU A 539 15.37 1.26 12.76
CA LEU A 539 16.29 2.05 13.57
C LEU A 539 17.70 1.55 13.30
N ASP A 540 18.43 2.31 12.49
CA ASP A 540 19.76 1.90 11.99
C ASP A 540 20.83 1.90 13.10
N SER A 541 20.50 2.41 14.27
CA SER A 541 21.23 2.21 15.50
C SER A 541 21.27 0.77 15.97
N GLY A 542 20.36 -0.07 15.47
CA GLY A 542 20.19 -1.43 15.96
C GLY A 542 19.07 -1.57 16.98
N ALA A 543 18.51 -0.46 17.46
CA ALA A 543 17.40 -0.51 18.40
C ALA A 543 16.24 -1.33 17.84
N THR A 544 15.59 -2.09 18.70
CA THR A 544 14.51 -2.94 18.27
C THR A 544 13.19 -2.18 18.26
N ALA A 545 12.25 -2.71 17.49
CA ALA A 545 10.90 -2.17 17.42
C ALA A 545 9.94 -3.25 16.93
N PHE A 546 8.65 -2.96 16.97
CA PHE A 546 7.66 -3.94 16.54
C PHE A 546 7.70 -4.15 15.01
N SER A 547 7.96 -5.37 14.58
CA SER A 547 7.84 -5.77 13.18
C SER A 547 6.43 -6.31 12.90
N MET A 548 5.65 -5.54 12.14
CA MET A 548 4.25 -5.86 11.82
C MET A 548 4.12 -6.58 10.49
N PRO A 549 2.95 -7.21 10.22
CA PRO A 549 2.76 -7.89 8.93
C PRO A 549 2.90 -6.95 7.74
N ASN A 550 3.24 -7.54 6.59
CA ASN A 550 3.40 -6.75 5.37
C ASN A 550 2.07 -6.17 4.83
N GLY A 551 2.19 -5.18 3.95
CA GLY A 551 1.06 -4.40 3.46
C GLY A 551 0.00 -5.25 2.80
N THR A 552 0.42 -6.19 1.97
CA THR A 552 -0.52 -7.06 1.27
C THR A 552 -1.32 -7.93 2.24
N MET A 553 -0.68 -8.43 3.31
CA MET A 553 -1.38 -9.17 4.38
C MET A 553 -2.43 -8.28 5.07
N LEU A 554 -2.07 -7.03 5.36
CA LEU A 554 -3.02 -6.06 5.93
C LEU A 554 -4.24 -5.92 5.06
N ALA A 555 -4.01 -5.73 3.76
CA ALA A 555 -5.08 -5.50 2.81
C ALA A 555 -5.99 -6.71 2.68
N SER A 556 -5.40 -7.90 2.80
CA SER A 556 -6.13 -9.16 2.66
C SER A 556 -7.13 -9.40 3.80
N THR A 557 -6.96 -8.70 4.93
CA THR A 557 -7.96 -8.74 5.98
C THR A 557 -9.33 -8.22 5.54
N PHE A 558 -9.35 -7.27 4.60
CA PHE A 558 -10.58 -6.59 4.21
C PHE A 558 -11.28 -6.04 5.47
N ASN A 559 -10.49 -5.61 6.44
CA ASN A 559 -11.00 -5.25 7.76
C ASN A 559 -10.26 -4.02 8.27
N PRO A 560 -10.71 -2.83 7.85
CA PRO A 560 -10.16 -1.58 8.33
C PRO A 560 -10.01 -1.47 9.84
N ASP A 561 -10.96 -2.01 10.60
CA ASP A 561 -10.91 -1.89 12.08
C ASP A 561 -9.74 -2.62 12.72
N VAL A 562 -9.45 -3.84 12.29
CA VAL A 562 -8.34 -4.60 12.87
C VAL A 562 -6.99 -3.91 12.53
N ILE A 563 -6.90 -3.35 11.33
CA ILE A 563 -5.72 -2.59 10.90
C ILE A 563 -5.51 -1.33 11.76
N GLU A 564 -6.56 -0.55 11.88
CA GLU A 564 -6.53 0.68 12.69
C GLU A 564 -6.14 0.40 14.16
N ARG A 565 -6.67 -0.69 14.72
CA ARG A 565 -6.38 -1.09 16.10
C ARG A 565 -4.86 -1.31 16.30
N MET A 566 -4.25 -2.09 15.42
CA MET A 566 -2.80 -2.35 15.47
C MET A 566 -1.95 -1.07 15.39
N TYR A 567 -2.27 -0.20 14.43
CA TYR A 567 -1.52 1.04 14.23
C TYR A 567 -1.79 2.11 15.31
N GLY A 568 -2.87 1.95 16.08
CA GLY A 568 -3.05 2.68 17.33
C GLY A 568 -1.93 2.38 18.32
N PHE A 569 -1.48 1.13 18.39
CA PHE A 569 -0.30 0.80 19.20
C PHE A 569 0.99 1.39 18.61
N THR A 570 1.15 1.31 17.29
CA THR A 570 2.29 1.92 16.60
C THR A 570 2.33 3.42 16.87
N SER A 571 1.15 4.05 16.92
CA SER A 571 1.05 5.46 17.29
C SER A 571 1.76 5.81 18.59
N LEU A 572 1.57 4.99 19.61
CA LEU A 572 2.23 5.17 20.91
C LEU A 572 3.72 4.82 20.86
N GLU A 573 4.06 3.72 20.19
CA GLU A 573 5.45 3.31 20.04
C GLU A 573 6.31 4.39 19.35
N MET A 574 5.73 5.09 18.40
CA MET A 574 6.42 6.18 17.69
C MET A 574 6.73 7.34 18.63
N ILE A 575 5.75 7.71 19.45
CA ILE A 575 5.93 8.74 20.48
C ILE A 575 7.04 8.33 21.45
N TYR A 576 7.05 7.05 21.84
CA TYR A 576 8.07 6.51 22.73
C TYR A 576 9.47 6.70 22.17
N ASN A 577 9.61 6.47 20.86
CA ASN A 577 10.87 6.60 20.13
C ASN A 577 11.09 8.01 19.56
N LYS A 578 10.20 8.95 19.86
CA LYS A 578 10.21 10.31 19.30
C LYS A 578 10.36 10.34 17.78
N VAL A 579 9.52 9.53 17.12
CA VAL A 579 9.37 9.57 15.69
C VAL A 579 8.00 10.15 15.42
N GLU A 580 7.94 11.22 14.65
CA GLU A 580 6.67 11.91 14.33
C GLU A 580 6.01 11.43 13.04
N CYS A 581 6.81 10.99 12.06
CA CYS A 581 6.36 10.68 10.70
C CYS A 581 6.84 9.30 10.25
N LEU A 582 5.94 8.31 10.22
CA LEU A 582 6.29 6.99 9.71
C LEU A 582 6.16 7.02 8.19
N LEU A 583 7.16 6.50 7.48
CA LEU A 583 7.17 6.60 6.01
C LEU A 583 6.35 5.46 5.40
N GLY A 584 5.05 5.56 5.64
CA GLY A 584 4.06 4.65 5.10
C GLY A 584 2.70 5.27 5.34
N PRO A 585 1.63 4.80 4.71
CA PRO A 585 1.58 3.60 3.90
C PRO A 585 2.22 3.73 2.51
N GLY A 586 2.86 2.65 2.07
CA GLY A 586 3.13 2.41 0.66
C GLY A 586 1.79 2.01 0.06
N MET A 587 1.41 2.65 -1.04
CA MET A 587 0.09 2.41 -1.60
C MET A 587 0.03 2.61 -3.09
N ASN A 588 1.13 2.27 -3.78
CA ASN A 588 1.13 2.25 -5.23
C ASN A 588 0.35 1.02 -5.67
N ILE A 589 -0.46 1.19 -6.70
CA ILE A 589 -1.26 0.13 -7.29
C ILE A 589 -0.39 -1.08 -7.75
N HIS A 590 -0.90 -2.29 -7.49
CA HIS A 590 -0.36 -3.54 -8.04
C HIS A 590 -0.73 -3.61 -9.52
N ARG A 591 0.05 -2.95 -10.36
CA ARG A 591 -0.21 -2.95 -11.81
C ARG A 591 0.19 -4.27 -12.45
N ASN A 592 1.30 -4.84 -11.99
CA ASN A 592 1.78 -6.12 -12.49
C ASN A 592 2.26 -6.97 -11.31
N PRO A 593 2.03 -8.30 -11.37
CA PRO A 593 2.49 -9.14 -10.24
C PRO A 593 4.01 -9.21 -10.04
N LEU A 594 4.79 -8.84 -11.06
CA LEU A 594 6.24 -8.95 -10.99
C LEU A 594 6.94 -7.75 -10.33
N ASN A 595 6.21 -6.68 -9.96
CA ASN A 595 6.84 -5.55 -9.25
C ASN A 595 7.38 -5.98 -7.91
N GLY A 596 8.65 -5.68 -7.66
CA GLY A 596 9.34 -6.14 -6.46
C GLY A 596 8.75 -5.67 -5.14
N ARG A 597 8.25 -4.43 -5.11
CA ARG A 597 7.72 -3.84 -3.85
C ARG A 597 6.23 -4.09 -3.58
N ASN A 598 5.59 -4.97 -4.34
CA ASN A 598 4.17 -5.30 -4.09
C ASN A 598 3.87 -5.72 -2.65
N PHE A 599 4.85 -6.34 -1.96
CA PHE A 599 4.70 -6.78 -0.56
C PHE A 599 4.27 -5.66 0.40
N GLU A 600 4.77 -4.45 0.19
CA GLU A 600 4.45 -3.33 1.09
C GLU A 600 3.37 -2.40 0.55
N TYR A 601 2.76 -2.80 -0.55
CA TYR A 601 1.56 -2.13 -1.09
C TYR A 601 0.32 -3.04 -0.83
N PHE A 602 -0.85 -2.63 -1.35
CA PHE A 602 -2.13 -3.22 -0.91
C PHE A 602 -2.91 -4.02 -1.96
N SER A 603 -3.11 -3.45 -3.15
CA SER A 603 -4.09 -4.00 -4.07
C SER A 603 -3.96 -3.51 -5.51
N GLU A 604 -4.58 -4.26 -6.43
CA GLU A 604 -4.84 -3.78 -7.81
C GLU A 604 -6.04 -2.83 -7.89
N ASP A 605 -6.84 -2.77 -6.83
CA ASP A 605 -8.04 -1.95 -6.76
C ASP A 605 -7.82 -0.67 -5.96
N PRO A 606 -8.17 0.50 -6.53
CA PRO A 606 -7.95 1.78 -5.85
C PRO A 606 -8.85 2.04 -4.64
N TYR A 607 -10.08 1.55 -4.66
CA TYR A 607 -10.96 1.78 -3.52
C TYR A 607 -10.44 1.02 -2.27
N LEU A 608 -10.11 -0.26 -2.42
CA LEU A 608 -9.49 -1.05 -1.35
C LEU A 608 -8.16 -0.44 -0.92
N ASN A 609 -7.33 -0.10 -1.90
CA ASN A 609 -6.05 0.57 -1.67
C ASN A 609 -6.19 1.80 -0.75
N GLY A 610 -7.07 2.71 -1.11
CA GLY A 610 -7.29 3.93 -0.32
C GLY A 610 -7.88 3.69 1.07
N THR A 611 -8.78 2.71 1.14
CA THR A 611 -9.52 2.37 2.37
C THR A 611 -8.58 1.73 3.39
N ILE A 612 -7.73 0.81 2.93
CA ILE A 612 -6.70 0.21 3.77
C ILE A 612 -5.64 1.25 4.20
N ALA A 613 -5.17 2.07 3.25
CA ALA A 613 -4.25 3.16 3.59
C ALA A 613 -4.85 4.07 4.66
N SER A 614 -6.12 4.40 4.50
CA SER A 614 -6.80 5.29 5.44
C SER A 614 -6.94 4.68 6.84
N ALA A 615 -7.10 3.35 6.92
CA ALA A 615 -7.17 2.64 8.19
C ALA A 615 -5.87 2.73 8.95
N MET A 616 -4.77 2.56 8.23
CA MET A 616 -3.43 2.71 8.81
C MET A 616 -3.23 4.14 9.36
N LEU A 617 -3.57 5.13 8.55
CA LEU A 617 -3.42 6.54 8.97
C LEU A 617 -4.28 6.92 10.19
N LYS A 618 -5.52 6.46 10.23
CA LYS A 618 -6.37 6.66 11.40
C LYS A 618 -5.74 6.06 12.66
N GLY A 619 -5.18 4.86 12.53
CA GLY A 619 -4.40 4.23 13.59
C GLY A 619 -3.29 5.12 14.11
N LEU A 620 -2.41 5.56 13.21
CA LEU A 620 -1.30 6.43 13.57
C LEU A 620 -1.73 7.77 14.18
N HIS A 621 -2.86 8.30 13.69
CA HIS A 621 -3.44 9.55 14.23
C HIS A 621 -4.04 9.42 15.63
N LYS A 622 -4.34 8.22 16.09
CA LYS A 622 -4.94 8.03 17.43
C LYS A 622 -4.29 8.88 18.52
N TYR A 623 -2.96 8.80 18.66
CA TYR A 623 -2.23 9.58 19.70
C TYR A 623 -1.39 10.71 19.15
N GLY A 624 -1.70 11.16 17.93
CA GLY A 624 -1.07 12.32 17.33
C GLY A 624 0.17 12.08 16.50
N SER A 625 0.48 10.82 16.20
CA SER A 625 1.56 10.50 15.28
C SER A 625 1.01 10.56 13.85
N ASP A 626 1.83 10.25 12.86
CA ASP A 626 1.40 10.41 11.49
C ASP A 626 2.13 9.50 10.54
N GLY A 627 1.52 9.30 9.38
CA GLY A 627 2.07 8.54 8.26
C GLY A 627 2.33 9.48 7.09
N VAL A 628 3.11 8.98 6.13
CA VAL A 628 3.46 9.70 4.91
C VAL A 628 3.07 8.78 3.78
N ALA A 629 2.05 9.15 3.00
CA ALA A 629 1.60 8.33 1.89
C ALA A 629 2.66 8.35 0.80
N LYS A 630 2.98 7.20 0.21
CA LYS A 630 3.99 7.09 -0.84
C LYS A 630 3.68 5.96 -1.80
N HIS A 631 4.25 5.94 -3.02
CA HIS A 631 5.05 7.02 -3.64
C HIS A 631 4.18 7.68 -4.69
N PHE A 632 4.03 9.00 -4.60
CA PHE A 632 3.01 9.76 -5.34
C PHE A 632 3.62 10.24 -6.66
N CYS A 633 3.25 9.69 -7.82
CA CYS A 633 2.40 8.54 -8.03
C CYS A 633 3.04 7.68 -9.12
N CYS A 634 2.44 6.52 -9.39
CA CYS A 634 2.80 5.63 -10.50
C CYS A 634 4.22 5.05 -10.45
N ASN A 635 4.69 4.77 -9.23
CA ASN A 635 5.90 3.98 -9.03
C ASN A 635 5.50 2.50 -8.91
N ASN A 636 5.17 1.90 -10.06
CA ASN A 636 4.66 0.52 -10.15
C ASN A 636 5.69 -0.49 -10.67
N GLN A 637 6.95 -0.05 -10.74
CA GLN A 637 8.04 -0.86 -11.31
C GLN A 637 9.35 -0.43 -10.64
N GLU A 638 10.14 -1.40 -10.19
CA GLU A 638 11.45 -1.12 -9.58
C GLU A 638 12.59 -0.94 -10.57
N LEU A 639 12.61 -1.73 -11.64
CA LEU A 639 13.67 -1.62 -12.64
C LEU A 639 13.61 -0.25 -13.33
N GLY A 640 14.75 0.44 -13.32
CA GLY A 640 14.91 1.76 -13.94
C GLY A 640 14.29 2.92 -13.17
N ARG A 641 13.99 2.71 -11.89
CA ARG A 641 13.14 3.66 -11.14
C ARG A 641 13.76 5.04 -10.89
N GLN A 642 15.07 5.18 -11.07
CA GLN A 642 15.72 6.49 -11.04
C GLN A 642 15.41 7.38 -12.25
N ALA A 643 14.99 6.78 -13.37
CA ALA A 643 14.68 7.55 -14.59
C ALA A 643 13.46 7.13 -15.41
N CYS A 644 12.82 6.00 -15.09
CA CYS A 644 11.77 5.42 -15.93
C CYS A 644 10.58 6.37 -16.09
N ASP A 645 10.00 6.38 -17.28
CA ASP A 645 8.90 7.27 -17.59
C ASP A 645 7.62 6.45 -17.73
N SER A 646 6.68 6.68 -16.80
CA SER A 646 5.37 6.07 -16.89
C SER A 646 4.53 6.97 -17.78
N VAL A 647 4.13 6.49 -18.95
CA VAL A 647 3.30 7.25 -19.89
C VAL A 647 1.88 6.72 -19.71
N VAL A 648 0.98 7.59 -19.25
CA VAL A 648 -0.33 7.17 -18.75
C VAL A 648 -1.38 8.27 -18.98
N SER A 649 -2.61 7.86 -19.30
CA SER A 649 -3.68 8.80 -19.61
C SER A 649 -4.17 9.50 -18.34
N GLN A 650 -4.85 10.62 -18.52
CA GLN A 650 -5.53 11.30 -17.42
C GLN A 650 -6.58 10.41 -16.75
N ARG A 651 -7.32 9.66 -17.57
CA ARG A 651 -8.41 8.86 -17.03
C ARG A 651 -7.86 7.77 -16.11
N ALA A 652 -6.80 7.11 -16.57
CA ALA A 652 -6.16 6.06 -15.79
C ALA A 652 -5.60 6.62 -14.49
N LEU A 653 -4.96 7.79 -14.57
CA LEU A 653 -4.49 8.50 -13.38
C LEU A 653 -5.64 8.80 -12.41
N ARG A 654 -6.69 9.44 -12.90
CA ARG A 654 -7.79 9.91 -12.06
C ARG A 654 -8.59 8.78 -11.39
N GLU A 655 -8.86 7.70 -12.13
CA GLU A 655 -9.65 6.57 -11.63
C GLU A 655 -8.87 5.48 -10.86
N ILE A 656 -7.61 5.27 -11.23
CA ILE A 656 -6.82 4.14 -10.72
C ILE A 656 -5.65 4.58 -9.85
N TYR A 657 -4.70 5.33 -10.40
CA TYR A 657 -3.41 5.56 -9.71
C TYR A 657 -3.47 6.67 -8.68
N LEU A 658 -4.14 7.78 -9.01
CA LEU A 658 -4.32 8.85 -8.04
C LEU A 658 -5.40 8.58 -7.00
N LYS A 659 -6.37 7.74 -7.34
CA LYS A 659 -7.63 7.61 -6.58
C LYS A 659 -7.40 7.16 -5.14
N GLY A 660 -6.55 6.14 -4.96
CA GLY A 660 -6.14 5.71 -3.63
C GLY A 660 -5.59 6.82 -2.76
N PHE A 661 -4.72 7.62 -3.35
CA PHE A 661 -4.14 8.76 -2.64
C PHE A 661 -5.20 9.81 -2.31
N GLU A 662 -6.14 10.04 -3.23
CA GLU A 662 -7.26 10.96 -2.97
C GLU A 662 -8.07 10.52 -1.74
N ILE A 663 -8.37 9.22 -1.66
CA ILE A 663 -9.09 8.66 -0.52
C ILE A 663 -8.28 8.83 0.75
N ALA A 664 -6.96 8.60 0.66
CA ALA A 664 -6.08 8.84 1.80
C ALA A 664 -6.21 10.26 2.34
N VAL A 665 -6.33 11.24 1.45
CA VAL A 665 -6.49 12.62 1.86
C VAL A 665 -7.86 12.85 2.48
N LYS A 666 -8.90 12.45 1.77
CA LYS A 666 -10.27 12.81 2.14
C LYS A 666 -10.91 11.91 3.20
N GLU A 667 -10.57 10.63 3.23
CA GLU A 667 -11.07 9.69 4.23
C GLU A 667 -10.04 9.47 5.34
N GLY A 668 -8.77 9.38 4.98
CA GLY A 668 -7.69 9.11 5.93
C GLY A 668 -7.13 10.31 6.66
N GLY A 669 -7.49 11.52 6.25
CA GLY A 669 -6.90 12.73 6.82
C GLY A 669 -5.41 12.89 6.59
N CYS A 670 -4.91 12.31 5.50
CA CYS A 670 -3.49 12.34 5.18
C CYS A 670 -3.00 13.77 4.97
N LYS A 671 -1.88 14.07 5.62
CA LYS A 671 -1.29 15.39 5.63
C LYS A 671 0.20 15.39 5.27
N ALA A 672 0.71 14.26 4.77
CA ALA A 672 2.09 14.17 4.34
C ALA A 672 2.20 13.14 3.20
N PHE A 673 2.81 13.57 2.09
CA PHE A 673 2.99 12.74 0.90
C PHE A 673 4.47 12.68 0.54
N MET A 674 4.87 11.58 -0.09
CA MET A 674 6.21 11.43 -0.64
C MET A 674 6.07 11.20 -2.13
N THR A 675 6.86 11.93 -2.93
CA THR A 675 6.89 11.74 -4.39
C THR A 675 7.80 10.57 -4.76
N THR A 676 8.11 10.41 -6.05
CA THR A 676 8.85 9.23 -6.53
C THR A 676 10.24 9.53 -7.06
N TYR A 677 10.98 8.47 -7.31
CA TYR A 677 12.30 8.56 -7.94
C TYR A 677 12.21 8.76 -9.45
N ALA A 678 11.03 8.54 -10.03
CA ALA A 678 10.89 8.34 -11.47
C ALA A 678 10.10 9.46 -12.14
N GLN A 679 9.76 9.24 -13.40
CA GLN A 679 8.98 10.19 -14.17
C GLN A 679 7.56 9.70 -14.44
N VAL A 680 6.62 10.63 -14.43
CA VAL A 680 5.26 10.40 -14.90
C VAL A 680 4.99 11.45 -15.96
N ASN A 681 4.71 10.97 -17.17
CA ASN A 681 4.45 11.82 -18.32
C ASN A 681 5.53 12.88 -18.61
N GLY A 682 6.77 12.39 -18.67
CA GLY A 682 7.88 13.10 -19.28
C GLY A 682 8.64 14.08 -18.41
N MET A 683 8.43 14.06 -17.10
CA MET A 683 9.32 14.74 -16.16
C MET A 683 9.27 14.06 -14.80
N TRP A 684 10.25 14.40 -13.96
CA TRP A 684 10.34 13.84 -12.62
C TRP A 684 9.19 14.36 -11.76
N THR A 685 8.70 13.50 -10.88
CA THR A 685 7.51 13.81 -10.07
C THR A 685 7.75 14.89 -9.02
N ALA A 686 8.99 14.99 -8.51
CA ALA A 686 9.33 15.97 -7.49
C ALA A 686 9.21 17.43 -7.94
N GLY A 687 9.32 17.67 -9.24
CA GLY A 687 9.13 19.00 -9.80
C GLY A 687 7.85 19.16 -10.61
N ASN A 688 6.88 18.28 -10.45
CA ASN A 688 5.65 18.34 -11.25
C ASN A 688 4.58 19.19 -10.57
N TYR A 689 4.28 20.35 -11.17
CA TYR A 689 3.31 21.29 -10.62
C TYR A 689 1.87 20.71 -10.57
N ASP A 690 1.50 20.02 -11.64
CA ASP A 690 0.17 19.44 -11.77
C ASP A 690 -0.15 18.40 -10.68
N LEU A 691 0.86 17.61 -10.33
CA LEU A 691 0.75 16.59 -9.28
C LEU A 691 0.64 17.21 -7.90
N ASN A 692 1.61 18.05 -7.56
CA ASN A 692 1.80 18.54 -6.20
C ASN A 692 1.05 19.79 -5.84
N THR A 693 0.67 20.58 -6.85
CA THR A 693 -0.14 21.78 -6.63
C THR A 693 -1.57 21.63 -7.18
N ARG A 694 -1.71 21.46 -8.50
CA ARG A 694 -3.03 21.48 -9.11
C ARG A 694 -3.96 20.39 -8.52
N ILE A 695 -3.53 19.14 -8.63
CA ILE A 695 -4.36 18.02 -8.19
C ILE A 695 -4.43 17.92 -6.67
N LEU A 696 -3.26 17.84 -6.02
CA LEU A 696 -3.19 17.58 -4.60
C LEU A 696 -3.79 18.69 -3.73
N ARG A 697 -3.42 19.95 -3.99
CA ARG A 697 -3.85 21.07 -3.15
C ARG A 697 -5.11 21.71 -3.67
N ASP A 698 -5.06 22.20 -4.91
CA ASP A 698 -6.16 23.01 -5.46
C ASP A 698 -7.42 22.20 -5.72
N GLU A 699 -7.29 20.95 -6.15
CA GLU A 699 -8.48 20.13 -6.39
C GLU A 699 -8.89 19.31 -5.16
N TRP A 700 -7.97 18.57 -4.54
CA TRP A 700 -8.35 17.70 -3.42
C TRP A 700 -8.47 18.41 -2.09
N GLY A 701 -7.89 19.60 -1.95
CA GLY A 701 -7.88 20.31 -0.68
C GLY A 701 -6.87 19.81 0.36
N PHE A 702 -5.86 19.03 -0.06
CA PHE A 702 -4.78 18.61 0.84
C PHE A 702 -4.15 19.81 1.54
N LYS A 703 -3.94 19.69 2.84
CA LYS A 703 -3.28 20.72 3.64
C LYS A 703 -2.18 20.02 4.41
N GLY A 704 -0.96 20.14 3.89
CA GLY A 704 0.16 19.41 4.45
C GLY A 704 1.46 19.63 3.71
N ILE A 705 2.34 18.63 3.80
CA ILE A 705 3.68 18.70 3.24
C ILE A 705 3.84 17.61 2.22
N VAL A 706 4.66 17.89 1.21
CA VAL A 706 5.14 16.90 0.26
C VAL A 706 6.66 16.87 0.41
N MET A 707 7.23 15.67 0.39
CA MET A 707 8.65 15.51 0.47
C MET A 707 9.10 14.65 -0.71
N THR A 708 10.38 14.79 -1.09
CA THR A 708 10.95 13.90 -2.10
C THR A 708 11.16 12.52 -1.51
N ASP A 709 11.33 11.55 -2.41
CA ASP A 709 11.93 10.29 -2.03
C ASP A 709 13.45 10.59 -1.80
N TRP A 710 14.12 9.67 -1.11
CA TRP A 710 15.45 9.92 -0.52
C TRP A 710 16.56 10.03 -1.57
N TRP A 711 17.10 11.23 -1.71
CA TRP A 711 18.09 11.58 -2.74
C TRP A 711 17.51 11.45 -4.13
N ALA A 712 16.22 11.77 -4.26
CA ALA A 712 15.58 11.71 -5.57
C ALA A 712 16.09 12.83 -6.49
N GLN A 713 16.05 12.57 -7.79
CA GLN A 713 16.33 13.57 -8.79
C GLN A 713 15.11 14.46 -9.04
N VAL A 714 15.38 15.71 -9.42
CA VAL A 714 14.38 16.72 -9.77
C VAL A 714 14.80 17.35 -11.10
N ASN A 715 13.83 17.80 -11.89
CA ASN A 715 14.12 18.56 -13.12
C ASN A 715 13.02 19.53 -13.49
N ASP A 716 13.37 20.52 -14.31
CA ASP A 716 12.39 21.31 -15.06
C ASP A 716 12.07 20.50 -16.31
N ARG A 717 10.85 20.59 -16.85
CA ARG A 717 10.50 19.78 -18.05
C ARG A 717 11.45 20.04 -19.21
N GLY A 718 11.99 18.97 -19.78
CA GLY A 718 12.99 19.04 -20.85
C GLY A 718 14.43 19.15 -20.33
N GLY A 719 14.60 19.62 -19.10
CA GLY A 719 15.92 19.75 -18.50
C GLY A 719 16.53 18.45 -18.01
N GLU A 720 17.79 18.55 -17.65
CA GLU A 720 18.59 17.43 -17.16
C GLU A 720 18.23 17.18 -15.66
N PRO A 721 18.11 15.90 -15.25
CA PRO A 721 17.86 15.61 -13.83
C PRO A 721 19.08 15.83 -12.92
N THR A 722 18.86 16.36 -11.72
CA THR A 722 19.91 16.51 -10.71
C THR A 722 19.33 16.33 -9.30
N LYS A 723 20.21 16.12 -8.32
CA LYS A 723 19.82 15.93 -6.93
C LYS A 723 19.86 17.22 -6.14
N ASN A 724 20.05 18.35 -6.81
CA ASN A 724 20.08 19.63 -6.10
C ASN A 724 19.36 20.77 -6.82
N ASN A 725 18.41 20.42 -7.68
CA ASN A 725 17.54 21.42 -8.31
C ASN A 725 16.28 21.62 -7.45
N THR A 726 16.51 22.18 -6.28
CA THR A 726 15.47 22.49 -5.33
C THR A 726 14.54 23.63 -5.75
N ALA A 727 15.00 24.49 -6.67
CA ALA A 727 14.16 25.56 -7.19
C ALA A 727 13.04 24.96 -8.04
N ALA A 728 13.35 23.95 -8.85
CA ALA A 728 12.33 23.19 -9.58
C ALA A 728 11.35 22.52 -8.61
N MET A 729 11.90 21.94 -7.55
CA MET A 729 11.12 21.29 -6.50
C MET A 729 10.12 22.27 -5.85
N VAL A 730 10.60 23.43 -5.45
CA VAL A 730 9.77 24.44 -4.78
C VAL A 730 8.76 25.11 -5.72
N ARG A 731 9.10 25.23 -7.00
CA ARG A 731 8.16 25.75 -7.99
C ARG A 731 6.94 24.83 -8.16
N ALA A 732 7.11 23.53 -7.90
CA ALA A 732 6.02 22.55 -7.92
C ALA A 732 5.23 22.44 -6.61
N GLN A 733 5.75 23.03 -5.54
CA GLN A 733 5.24 22.87 -4.18
C GLN A 733 5.47 21.44 -3.65
N ASN A 734 6.59 20.83 -4.06
CA ASN A 734 7.17 19.73 -3.32
C ASN A 734 8.03 20.45 -2.27
N ASP A 735 7.59 20.38 -1.01
CA ASP A 735 8.09 21.30 0.04
C ASP A 735 9.46 20.97 0.61
N LEU A 736 9.85 19.69 0.59
CA LEU A 736 11.02 19.22 1.31
C LEU A 736 11.92 18.33 0.45
N TYR A 737 13.19 18.71 0.29
CA TYR A 737 14.18 17.83 -0.33
C TYR A 737 14.73 16.88 0.73
N MET A 738 14.46 15.59 0.58
CA MET A 738 15.00 14.57 1.47
C MET A 738 16.12 13.87 0.72
N VAL A 739 17.36 13.87 1.18
CA VAL A 739 17.88 14.54 2.38
C VAL A 739 19.27 15.12 2.06
N THR A 740 19.77 15.96 2.96
CA THR A 740 21.13 16.52 2.89
C THR A 740 21.91 16.21 4.19
N ALA A 741 23.23 16.08 4.09
CA ALA A 741 24.08 15.81 5.27
C ALA A 741 24.02 16.97 6.27
N ASN A 742 24.00 18.19 5.77
CA ASN A 742 24.00 19.37 6.61
C ASN A 742 23.19 20.48 5.93
N ALA A 743 21.98 20.70 6.44
CA ALA A 743 21.03 21.60 5.78
C ALA A 743 21.43 23.06 5.91
N ALA A 744 21.85 23.45 7.11
CA ALA A 744 22.25 24.83 7.35
C ALA A 744 23.42 25.26 6.47
N MET A 745 24.32 24.32 6.19
CA MET A 745 25.51 24.59 5.36
C MET A 745 25.30 24.35 3.87
N ASN A 746 24.07 24.04 3.45
CA ASN A 746 23.75 23.73 2.06
C ASN A 746 24.71 22.67 1.49
N SER A 747 24.87 21.58 2.22
CA SER A 747 25.81 20.52 1.84
C SER A 747 25.62 20.00 0.42
N ALA A 748 24.39 20.03 -0.10
CA ALA A 748 24.13 19.57 -1.46
C ALA A 748 24.42 20.62 -2.56
N ASN A 749 24.83 21.83 -2.17
CA ASN A 749 25.05 22.95 -3.10
C ASN A 749 23.86 23.15 -4.02
N ASP A 750 22.69 23.32 -3.42
CA ASP A 750 21.45 23.48 -4.20
C ASP A 750 21.29 24.88 -4.77
N ASN A 751 20.33 25.04 -5.65
CA ASN A 751 20.20 26.26 -6.45
C ASN A 751 19.09 27.20 -5.99
N THR A 752 18.64 27.06 -4.74
CA THR A 752 17.48 27.81 -4.27
C THR A 752 17.77 29.32 -4.34
N LEU A 753 18.87 29.75 -3.71
CA LEU A 753 19.21 31.18 -3.63
C LEU A 753 19.67 31.79 -4.98
N SER A 754 20.43 31.05 -5.78
CA SER A 754 20.87 31.57 -7.09
C SER A 754 19.68 31.77 -8.01
N GLN A 755 18.76 30.81 -8.03
CA GLN A 755 17.53 30.96 -8.80
C GLN A 755 16.64 32.11 -8.28
N LEU A 756 16.62 32.33 -6.96
CA LEU A 756 15.89 33.46 -6.37
C LEU A 756 16.58 34.79 -6.74
N SER A 757 17.91 34.78 -6.73
CA SER A 757 18.73 35.92 -7.18
C SER A 757 18.40 36.32 -8.63
N GLU A 758 18.21 35.32 -9.50
CA GLU A 758 17.94 35.52 -10.92
C GLU A 758 16.45 35.72 -11.29
N GLY A 759 15.55 35.79 -10.31
CA GLY A 759 14.11 35.91 -10.55
C GLY A 759 13.41 34.71 -11.17
N LYS A 760 14.09 33.56 -11.27
CA LYS A 760 13.50 32.34 -11.82
C LYS A 760 12.69 31.54 -10.77
N LEU A 761 12.91 31.86 -9.50
CA LEU A 761 12.15 31.34 -8.38
C LEU A 761 11.65 32.54 -7.61
N ASN A 762 10.34 32.59 -7.31
CA ASN A 762 9.76 33.71 -6.56
C ASN A 762 9.77 33.43 -5.06
N ARG A 763 10.10 34.45 -4.27
CA ARG A 763 10.09 34.34 -2.81
C ARG A 763 8.75 33.81 -2.28
N ALA A 764 7.65 34.20 -2.91
CA ALA A 764 6.32 33.71 -2.55
C ALA A 764 6.21 32.16 -2.60
N GLU A 765 6.87 31.55 -3.58
CA GLU A 765 6.89 30.08 -3.68
C GLU A 765 7.64 29.43 -2.51
N LEU A 766 8.76 30.03 -2.10
CA LEU A 766 9.47 29.59 -0.90
C LEU A 766 8.65 29.76 0.37
N GLN A 767 7.96 30.90 0.48
CA GLN A 767 7.13 31.18 1.64
C GLN A 767 5.94 30.22 1.76
N ARG A 768 5.34 29.87 0.62
CA ARG A 768 4.28 28.88 0.58
C ARG A 768 4.78 27.54 1.16
N CYS A 769 5.90 27.05 0.63
CA CYS A 769 6.49 25.82 1.15
C CYS A 769 6.83 25.89 2.64
N ALA A 770 7.40 27.01 3.07
CA ALA A 770 7.76 27.19 4.49
C ALA A 770 6.53 27.23 5.39
N MET A 771 5.45 27.83 4.91
CA MET A 771 4.18 27.85 5.65
C MET A 771 3.57 26.44 5.80
N ASN A 772 3.63 25.63 4.73
CA ASN A 772 3.20 24.24 4.80
C ASN A 772 4.01 23.47 5.84
N ILE A 773 5.32 23.63 5.80
CA ILE A 773 6.21 22.94 6.72
C ILE A 773 5.94 23.34 8.17
N CYS A 774 5.74 24.64 8.41
CA CYS A 774 5.52 25.13 9.77
C CYS A 774 4.15 24.76 10.33
N GLU A 775 3.14 24.78 9.46
CA GLU A 775 1.79 24.38 9.84
C GLU A 775 1.73 22.89 10.18
N TYR A 776 2.44 22.07 9.39
CA TYR A 776 2.59 20.68 9.72
C TYR A 776 3.36 20.54 11.04
N ALA A 777 4.50 21.20 11.14
CA ALA A 777 5.40 20.97 12.26
C ALA A 777 4.77 21.35 13.59
N MET A 778 3.98 22.43 13.62
CA MET A 778 3.33 22.90 14.85
C MET A 778 2.25 21.98 15.43
N ASN A 779 1.76 21.02 14.63
CA ASN A 779 0.77 20.05 15.10
C ASN A 779 1.38 18.69 15.42
N THR A 780 2.71 18.55 15.34
CA THR A 780 3.36 17.29 15.65
C THR A 780 3.64 17.15 17.14
N MET A 781 3.99 15.93 17.55
CA MET A 781 4.38 15.65 18.91
C MET A 781 5.70 16.36 19.26
N ALA A 782 6.55 16.64 18.26
CA ALA A 782 7.77 17.42 18.48
C ALA A 782 7.47 18.86 18.91
N MET A 783 6.41 19.47 18.37
CA MET A 783 5.96 20.79 18.85
C MET A 783 5.46 20.71 20.28
N LYS A 784 4.68 19.67 20.57
CA LYS A 784 4.21 19.43 21.93
C LYS A 784 5.36 19.28 22.95
N ARG A 785 6.48 18.70 22.55
CA ARG A 785 7.64 18.60 23.44
C ARG A 785 8.21 19.99 23.76
N LEU A 786 8.27 20.89 22.78
CA LEU A 786 8.66 22.29 23.07
C LEU A 786 7.66 22.98 23.99
N CYS A 787 6.37 22.77 23.75
CA CYS A 787 5.30 23.34 24.58
C CYS A 787 5.09 22.63 25.93
N ARG A 788 5.75 21.48 26.12
CA ARG A 788 5.66 20.67 27.34
C ARG A 788 4.25 20.16 27.61
N ASN A 789 3.55 19.80 26.55
CA ASN A 789 2.24 19.15 26.64
C ASN A 789 2.20 17.92 25.73
N ASP A 790 3.30 17.17 25.73
CA ASP A 790 3.41 15.93 24.96
C ASP A 790 2.92 14.75 25.77
N ILE A 791 2.66 13.65 25.08
CA ILE A 791 2.28 12.39 25.71
C ILE A 791 3.57 11.65 26.06
N LYS A 792 3.68 11.22 27.31
CA LYS A 792 4.78 10.37 27.75
C LYS A 792 4.31 8.92 27.74
N VAL A 793 5.11 8.04 27.17
CA VAL A 793 4.74 6.65 26.97
C VAL A 793 5.65 5.75 27.81
N GLU A 794 5.04 4.74 28.43
CA GLU A 794 5.77 3.73 29.19
C GLU A 794 5.35 2.38 28.66
N ILE A 795 6.32 1.50 28.43
CA ILE A 795 6.03 0.17 27.91
C ILE A 795 5.87 -0.81 29.06
N ALA A 796 4.74 -1.51 29.10
CA ALA A 796 4.46 -2.56 30.10
C ALA A 796 4.41 -3.93 29.41
N GLY A 797 4.59 -4.99 30.21
CA GLY A 797 4.52 -6.38 29.72
C GLY A 797 5.83 -6.99 29.22
N ARG A 798 6.95 -6.32 29.48
CA ARG A 798 8.30 -6.85 29.20
C ARG A 798 9.14 -6.77 30.48
#